data_7Z6O
#
_entry.id   7Z6O
#
_cell.length_a   125.146
_cell.length_b   125.146
_cell.length_c   319.700
_cell.angle_alpha   90.000
_cell.angle_beta   90.000
_cell.angle_gamma   120.000
#
_symmetry.space_group_name_H-M   'P 32 2 1'
#
loop_
_entity.id
_entity.type
_entity.pdbx_description
1 polymer 'X-ray repair cross-complementing protein 6'
2 polymer 'X-ray repair cross-complementing protein 5'
3 polymer "DNA (5'-D(*GP*TP*TP*TP*TP*TP*AP*GP*TP*TP*TP*AP*T)-3')"
4 polymer "DNA (5'-D(P*AP*AP*AP*TP*AP*AP*AP*CP*TP*AP*AP*AP*AP*AP*C)-3')"
5 non-polymer 'INOSITOL HEXAKISPHOSPHATE'
#
loop_
_entity_poly.entity_id
_entity_poly.type
_entity_poly.pdbx_seq_one_letter_code
_entity_poly.pdbx_strand_id
1 'polypeptide(L)'
;MSGWESYYKTEGDEEAEEEQEENLEASGDYKYSGRDSLIFLVDASKAMFESQSEDELTPFDMSIQCIQSVYISKIISSDR
DLLAVVFYGTEKDKNSVNFKNIYVLQELDNPGAKRILELDQFKGQQGQKRFQDMMGHGSDYSLSEVLWVCANLFSDVQFK
MSHKRIMLFTNEDNPHGNDSAKASRARTKAGDLRDTGIFLDLMHLKKPGGFDISLFYRDIISIAEDEDLRVHFEESSKLE
DLLRKVRAKETRKRALSRLKLKLNKDIVISVGIYNLVQKALKPPPIKLYRETNEPVKTKTRTFNTSTGGLLLPSDTKRSQ
IYGSRQIILEKEETEELKRFDDPGLMLMGFKPLVLLKKHHYLRPSLFVYPEESLVIGSSTLFSALLIKCLEKEVAALCRY
TPRRNIPPYFVALVPQEEELDDQKIQVTPPGFQLVFLPFADDKRKMPFTEKIMATPEQVGKMKAIVEKLRFTYRSDSFEN
PVLQQHFRNLEALALDLMEPEQAVDLTLPKVEAMNKRLGSLVDEFKELVYPPDYNPEGKVTKRKHDNEGSGSKRPKVEYS
EEELKTHISKGTLGKFTVPMLKEACRAYGLKSGLKKQELLEALTKHFQD
;
A
2 'polypeptide(L)'
;MVRSGNKAAVVLCMDVGFTMSNSIPGIESPFEQAKKVITMFVQRQVFAENKDEIALVLFGTDGTDNPLSGGDQYQNITVH
RHLMLPDFDLLEDIESKIQPGSQQADFLDALIVSMDVIQHETIGKKFEKRHIEIFTDLSSRFSKSQLDIIIHSLKKCDIS
LQFFLPFSLGKEDGSGDRGDGPFRLGGHGPSFPLKGITEQQKEGLEIVKMVMISLEGEDGLDEIYSFSESLRKLCVFKKI
ERHSIHWPCRLTIGSNLSIRIAAYKSILQERVKKTWTVVDAKTLKKEDIQKETVYCLNDDDETEVLKEDIIQGFRYGSDI
VPFSKVDEEQMKYKSEGKCFSVLGFCKSSQVQRRFFMGNQVLKVFAARDDEAAAVALSSLIHALDDLDMVAIVRYAYDKR
ANPQVGVAFPHIKHNYECLVYVQLPFMEDLRQYMFSSLKNSKKYAPTEAQLNAVDALIDSMSLAKKDEKTDTLEDLFPTT
KIPNPRFQRLFQCLLHRALHPREPLPPIQQHIWNMLNPPAEVTTKSQIPLSKIKTLFPLIEAKKKDQVTAQEIFQDNHED
GPTAKKLKTEQGGAHFSVSSLAEGSVTSVGSVNPAENFRVLVKQKKASFEEASNQLINHIEQFLDTNETPYFMKSIDCIR
AFREEAIKFSEEQRFNNFLKALQEKVEIKQLNHFWEIVVQDGITLITKEEASGSSVTAEEAKKFLAPKDKPSGDTAAVFE
EGGDVDDLLDMI
;
B
3 'polydeoxyribonucleotide'
;(DG)(DT)(DT)(DT)(DT)(DT)(DA)(DG)(DT)(DT)(DT)(DA)(DT)(DT)(DG)(DG)(DG)(DC)(DG)(DC)
(DG)
;
C
4 'polydeoxyribonucleotide'
;(DC)(DG)(DC)(DG)(DC)(DC)(DC)(DA)(DG)(DC)(DT)(DT)(DT)(DC)(DC)(DC)(DA)(DG)(DC)(DT)
(DA)(DA)(DT)(DA)(DA)(DA)(DC)(DT)(DA)(DA)(DA)(DA)(DA)(DC)
;
D
#
# COMPACT_ATOMS: atom_id res chain seq x y z
N GLY A 34 -26.32 9.45 -0.37
CA GLY A 34 -26.86 10.79 -0.47
C GLY A 34 -26.23 11.62 -1.56
N ARG A 35 -26.88 12.72 -1.92
CA ARG A 35 -26.41 13.62 -2.97
C ARG A 35 -26.17 15.00 -2.37
N ASP A 36 -24.91 15.44 -2.40
CA ASP A 36 -24.58 16.79 -1.97
C ASP A 36 -24.90 17.79 -3.07
N SER A 37 -25.22 19.01 -2.66
CA SER A 37 -25.59 20.07 -3.58
C SER A 37 -24.60 21.23 -3.46
N LEU A 38 -24.21 21.78 -4.60
CA LEU A 38 -23.24 22.87 -4.65
C LEU A 38 -23.67 23.85 -5.73
N ILE A 39 -23.90 25.10 -5.33
CA ILE A 39 -24.33 26.15 -6.24
C ILE A 39 -23.17 27.12 -6.44
N PHE A 40 -22.80 27.35 -7.69
CA PHE A 40 -21.72 28.28 -8.03
C PHE A 40 -22.33 29.65 -8.30
N LEU A 41 -22.02 30.60 -7.43
CA LEU A 41 -22.52 31.97 -7.54
C LEU A 41 -21.38 32.88 -7.97
N VAL A 42 -21.52 33.50 -9.14
CA VAL A 42 -20.47 34.31 -9.74
C VAL A 42 -20.94 35.75 -9.81
N ASP A 43 -20.08 36.67 -9.39
CA ASP A 43 -20.36 38.10 -9.51
C ASP A 43 -20.13 38.56 -10.94
N ALA A 44 -21.01 39.42 -11.43
CA ALA A 44 -20.93 39.96 -12.78
C ALA A 44 -20.77 41.47 -12.78
N SER A 45 -20.16 42.01 -11.72
CA SER A 45 -19.94 43.45 -11.64
C SER A 45 -18.84 43.87 -12.62
N LYS A 46 -18.60 45.18 -12.68
CA LYS A 46 -17.61 45.73 -13.60
C LYS A 46 -16.21 45.24 -13.27
N ALA A 47 -15.87 45.19 -11.98
CA ALA A 47 -14.53 44.81 -11.57
C ALA A 47 -14.21 43.34 -11.86
N MET A 48 -15.24 42.51 -12.09
CA MET A 48 -14.99 41.10 -12.37
C MET A 48 -14.41 40.87 -13.76
N PHE A 49 -14.61 41.81 -14.69
CA PHE A 49 -14.08 41.70 -16.04
C PHE A 49 -12.83 42.55 -16.24
N GLU A 50 -12.11 42.86 -15.17
CA GLU A 50 -10.93 43.72 -15.23
C GLU A 50 -9.74 42.99 -14.66
N SER A 51 -8.70 42.81 -15.49
CA SER A 51 -7.43 42.24 -15.03
C SER A 51 -6.59 43.38 -14.46
N GLN A 52 -6.96 43.80 -13.26
CA GLN A 52 -6.36 44.96 -12.60
C GLN A 52 -4.87 44.74 -12.35
N SER A 53 -4.04 45.07 -13.34
CA SER A 53 -2.58 44.98 -13.25
C SER A 53 -2.16 43.56 -12.86
N GLU A 54 -2.32 42.65 -13.82
CA GLU A 54 -2.01 41.25 -13.60
C GLU A 54 -1.47 40.63 -14.88
N ASP A 55 -0.59 39.65 -14.71
CA ASP A 55 -0.22 38.74 -15.79
C ASP A 55 -1.12 37.50 -15.79
N GLU A 56 -2.39 37.69 -15.45
CA GLU A 56 -3.33 36.60 -15.24
C GLU A 56 -4.68 37.00 -15.83
N LEU A 57 -5.60 36.03 -15.85
CA LEU A 57 -6.93 36.26 -16.38
C LEU A 57 -7.72 37.20 -15.48
N THR A 58 -8.89 37.62 -15.97
CA THR A 58 -9.81 38.40 -15.16
C THR A 58 -10.45 37.52 -14.09
N PRO A 59 -10.91 38.11 -12.99
CA PRO A 59 -11.58 37.31 -11.96
C PRO A 59 -12.83 36.59 -12.45
N PHE A 60 -13.48 37.09 -13.51
CA PHE A 60 -14.62 36.38 -14.07
C PHE A 60 -14.17 35.17 -14.88
N ASP A 61 -13.20 35.38 -15.80
CA ASP A 61 -12.66 34.27 -16.57
C ASP A 61 -12.00 33.24 -15.65
N MET A 62 -11.41 33.70 -14.54
CA MET A 62 -10.82 32.77 -13.58
C MET A 62 -11.89 31.94 -12.89
N SER A 63 -13.08 32.51 -12.68
CA SER A 63 -14.16 31.77 -12.04
C SER A 63 -14.83 30.80 -13.01
N ILE A 64 -15.02 31.22 -14.27
CA ILE A 64 -15.68 30.36 -15.25
C ILE A 64 -14.85 29.12 -15.51
N GLN A 65 -13.53 29.28 -15.68
CA GLN A 65 -12.67 28.13 -15.92
C GLN A 65 -12.57 27.24 -14.68
N CYS A 66 -12.67 27.83 -13.48
CA CYS A 66 -12.64 27.04 -12.27
C CYS A 66 -13.90 26.19 -12.11
N ILE A 67 -15.05 26.72 -12.56
CA ILE A 67 -16.28 25.95 -12.47
C ILE A 67 -16.28 24.81 -13.48
N GLN A 68 -15.71 25.04 -14.67
CA GLN A 68 -15.62 23.97 -15.66
C GLN A 68 -14.77 22.81 -15.15
N SER A 69 -13.68 23.12 -14.43
CA SER A 69 -12.82 22.06 -13.92
C SER A 69 -13.54 21.20 -12.89
N VAL A 70 -14.36 21.81 -12.05
CA VAL A 70 -15.14 21.04 -11.09
C VAL A 70 -16.19 20.19 -11.81
N TYR A 71 -16.80 20.75 -12.86
CA TYR A 71 -17.75 19.98 -13.65
C TYR A 71 -17.10 18.76 -14.29
N ILE A 72 -15.89 18.92 -14.82
CA ILE A 72 -15.20 17.81 -15.46
C ILE A 72 -14.70 16.82 -14.42
N SER A 73 -14.11 17.30 -13.33
CA SER A 73 -13.56 16.41 -12.32
C SER A 73 -14.64 15.60 -11.63
N LYS A 74 -15.86 16.14 -11.49
CA LYS A 74 -16.95 15.35 -10.95
C LYS A 74 -17.35 14.22 -11.89
N ILE A 75 -17.08 14.39 -13.19
CA ILE A 75 -17.40 13.35 -14.15
C ILE A 75 -16.29 12.30 -14.22
N ILE A 76 -15.03 12.71 -14.01
CA ILE A 76 -13.92 11.77 -14.03
C ILE A 76 -14.07 10.74 -12.91
N SER A 77 -14.59 11.16 -11.76
CA SER A 77 -14.72 10.31 -10.60
C SER A 77 -16.14 9.76 -10.42
N SER A 78 -17.01 9.96 -11.42
CA SER A 78 -18.39 9.46 -11.38
C SER A 78 -19.13 9.97 -10.14
N ASP A 79 -18.94 11.24 -9.82
CA ASP A 79 -19.55 11.84 -8.64
C ASP A 79 -21.01 12.16 -8.91
N ARG A 80 -21.86 11.88 -7.92
CA ARG A 80 -23.30 12.06 -8.06
C ARG A 80 -23.79 13.39 -7.51
N ASP A 81 -22.89 14.31 -7.18
CA ASP A 81 -23.32 15.59 -6.64
C ASP A 81 -24.04 16.43 -7.70
N LEU A 82 -24.89 17.33 -7.23
CA LEU A 82 -25.65 18.23 -8.09
C LEU A 82 -24.97 19.59 -8.13
N LEU A 83 -24.89 20.17 -9.32
CA LEU A 83 -24.19 21.42 -9.54
C LEU A 83 -25.14 22.46 -10.15
N ALA A 84 -24.90 23.73 -9.81
CA ALA A 84 -25.71 24.83 -10.30
C ALA A 84 -24.81 26.03 -10.57
N VAL A 85 -25.22 26.86 -11.52
CA VAL A 85 -24.48 28.05 -11.92
C VAL A 85 -25.45 29.23 -11.93
N VAL A 86 -25.18 30.22 -11.09
CA VAL A 86 -26.01 31.41 -10.97
C VAL A 86 -25.13 32.64 -11.05
N PHE A 87 -25.59 33.65 -11.79
CA PHE A 87 -24.91 34.93 -11.90
C PHE A 87 -25.79 36.02 -11.34
N TYR A 88 -25.18 36.99 -10.65
CA TYR A 88 -25.88 38.15 -10.13
C TYR A 88 -25.15 39.41 -10.56
N GLY A 89 -25.90 40.51 -10.57
CA GLY A 89 -25.38 41.77 -11.07
C GLY A 89 -25.55 41.95 -12.57
N THR A 90 -26.24 41.05 -13.25
CA THR A 90 -26.46 41.15 -14.68
C THR A 90 -27.65 42.06 -14.99
N GLU A 91 -27.74 42.47 -16.26
CA GLU A 91 -28.87 43.27 -16.68
C GLU A 91 -30.13 42.42 -16.85
N LYS A 92 -29.96 41.17 -17.25
CA LYS A 92 -31.06 40.23 -17.45
C LYS A 92 -31.22 39.34 -16.22
N ASP A 93 -32.45 38.89 -15.99
CA ASP A 93 -32.76 38.05 -14.84
C ASP A 93 -33.51 36.81 -15.31
N LYS A 94 -33.35 35.72 -14.55
CA LYS A 94 -34.00 34.45 -14.88
C LYS A 94 -34.08 33.62 -13.59
N ASN A 95 -35.23 33.65 -12.94
CA ASN A 95 -35.47 32.83 -11.76
C ASN A 95 -36.98 32.70 -11.56
N SER A 96 -37.35 31.85 -10.61
CA SER A 96 -38.77 31.53 -10.42
C SER A 96 -39.54 32.73 -9.86
N VAL A 97 -38.92 33.49 -8.96
CA VAL A 97 -39.61 34.63 -8.33
C VAL A 97 -39.39 35.93 -9.08
N ASN A 98 -38.72 35.90 -10.23
CA ASN A 98 -38.52 37.07 -11.09
C ASN A 98 -37.77 38.19 -10.38
N PHE A 99 -36.88 37.83 -9.45
CA PHE A 99 -36.04 38.84 -8.82
C PHE A 99 -35.04 39.40 -9.84
N LYS A 100 -34.90 40.72 -9.84
CA LYS A 100 -34.12 41.39 -10.88
C LYS A 100 -32.63 41.21 -10.66
N ASN A 101 -31.89 41.19 -11.78
CA ASN A 101 -30.43 41.12 -11.80
C ASN A 101 -29.90 39.82 -11.20
N ILE A 102 -30.62 38.72 -11.39
CA ILE A 102 -30.20 37.39 -10.94
C ILE A 102 -30.51 36.40 -12.05
N TYR A 103 -29.48 35.80 -12.62
CA TYR A 103 -29.62 34.89 -13.76
C TYR A 103 -29.19 33.50 -13.34
N VAL A 104 -30.14 32.55 -13.37
CA VAL A 104 -29.85 31.16 -13.07
C VAL A 104 -29.52 30.47 -14.40
N LEU A 105 -28.22 30.29 -14.67
CA LEU A 105 -27.80 29.66 -15.91
C LEU A 105 -28.16 28.17 -15.90
N GLN A 106 -27.80 27.47 -14.83
CA GLN A 106 -28.07 26.04 -14.73
C GLN A 106 -28.60 25.74 -13.33
N GLU A 107 -29.76 25.10 -13.26
CA GLU A 107 -30.30 24.70 -11.97
C GLU A 107 -29.53 23.49 -11.42
N LEU A 108 -29.87 23.10 -10.19
CA LEU A 108 -29.22 21.97 -9.55
C LEU A 108 -29.52 20.67 -10.30
N ASP A 109 -28.50 20.09 -10.91
CA ASP A 109 -28.65 18.85 -11.66
C ASP A 109 -27.27 18.23 -11.83
N ASN A 110 -27.26 16.97 -12.26
CA ASN A 110 -26.00 16.28 -12.48
C ASN A 110 -25.26 16.91 -13.66
N PRO A 111 -23.93 16.98 -13.60
CA PRO A 111 -23.17 17.56 -14.71
C PRO A 111 -23.22 16.68 -15.94
N GLY A 112 -23.11 17.31 -17.10
CA GLY A 112 -23.17 16.60 -18.36
C GLY A 112 -22.27 17.26 -19.40
N ALA A 113 -22.32 16.72 -20.61
CA ALA A 113 -21.49 17.24 -21.69
C ALA A 113 -22.04 18.57 -22.20
N LYS A 114 -23.36 18.70 -22.29
CA LYS A 114 -23.95 19.95 -22.74
C LYS A 114 -23.79 21.06 -21.72
N ARG A 115 -23.83 20.73 -20.43
CA ARG A 115 -23.64 21.75 -19.40
C ARG A 115 -22.20 22.26 -19.37
N ILE A 116 -21.23 21.38 -19.65
CA ILE A 116 -19.84 21.82 -19.72
C ILE A 116 -19.62 22.65 -20.98
N LEU A 117 -20.24 22.26 -22.09
CA LEU A 117 -20.12 23.03 -23.32
C LEU A 117 -20.74 24.41 -23.18
N GLU A 118 -21.80 24.54 -22.37
CA GLU A 118 -22.42 25.85 -22.17
C GLU A 118 -21.54 26.77 -21.36
N LEU A 119 -20.86 26.23 -20.34
CA LEU A 119 -19.92 27.05 -19.56
C LEU A 119 -18.72 27.47 -20.39
N ASP A 120 -18.35 26.69 -21.39
CA ASP A 120 -17.22 27.02 -22.24
C ASP A 120 -17.50 28.23 -23.13
N GLN A 121 -18.78 28.61 -23.28
CA GLN A 121 -19.14 29.78 -24.09
C GLN A 121 -18.80 31.08 -23.40
N PHE A 122 -18.47 31.07 -22.10
CA PHE A 122 -18.11 32.27 -21.37
C PHE A 122 -16.62 32.27 -20.99
N LYS A 123 -15.80 31.49 -21.68
CA LYS A 123 -14.39 31.36 -21.38
C LYS A 123 -13.56 32.28 -22.27
N GLY A 124 -12.61 32.97 -21.65
CA GLY A 124 -11.68 33.81 -22.39
C GLY A 124 -12.24 35.16 -22.75
N GLN A 125 -11.52 35.85 -23.64
CA GLN A 125 -11.95 37.16 -24.11
C GLN A 125 -13.23 37.05 -24.94
N GLN A 126 -13.31 36.05 -25.82
CA GLN A 126 -14.52 35.87 -26.61
C GLN A 126 -15.71 35.52 -25.73
N GLY A 127 -15.48 34.75 -24.67
CA GLY A 127 -16.56 34.39 -23.77
C GLY A 127 -17.07 35.58 -22.97
N GLN A 128 -16.19 36.53 -22.67
CA GLN A 128 -16.63 37.76 -22.01
C GLN A 128 -17.62 38.53 -22.89
N LYS A 129 -17.45 38.47 -24.21
CA LYS A 129 -18.38 39.14 -25.10
C LYS A 129 -19.71 38.40 -25.19
N ARG A 130 -19.67 37.07 -25.17
CA ARG A 130 -20.91 36.30 -25.26
C ARG A 130 -21.74 36.44 -23.98
N PHE A 131 -21.07 36.53 -22.82
CA PHE A 131 -21.79 36.67 -21.56
C PHE A 131 -22.48 38.02 -21.47
N GLN A 132 -21.76 39.10 -21.83
CA GLN A 132 -22.32 40.44 -21.70
C GLN A 132 -23.39 40.71 -22.74
N ASP A 133 -23.34 40.01 -23.89
CA ASP A 133 -24.37 40.17 -24.91
C ASP A 133 -25.61 39.34 -24.61
N MET A 134 -25.48 38.29 -23.81
CA MET A 134 -26.62 37.43 -23.48
C MET A 134 -27.32 37.85 -22.19
N MET A 135 -26.58 38.37 -21.21
CA MET A 135 -27.16 38.74 -19.93
C MET A 135 -26.85 40.16 -19.48
N GLY A 136 -25.81 40.80 -20.00
CA GLY A 136 -25.39 42.09 -19.50
C GLY A 136 -24.54 41.95 -18.25
N HIS A 137 -24.06 43.08 -17.75
CA HIS A 137 -23.19 43.09 -16.58
C HIS A 137 -23.19 44.49 -15.98
N GLY A 138 -22.58 44.59 -14.79
CA GLY A 138 -22.40 45.86 -14.14
C GLY A 138 -23.64 46.45 -13.49
N SER A 139 -24.76 45.74 -13.51
CA SER A 139 -25.99 46.26 -12.95
C SER A 139 -25.99 46.15 -11.42
N ASP A 140 -26.87 46.91 -10.80
CA ASP A 140 -27.01 46.87 -9.36
C ASP A 140 -27.70 45.57 -8.93
N TYR A 141 -27.71 45.32 -7.62
CA TYR A 141 -28.27 44.09 -7.08
C TYR A 141 -28.47 44.25 -5.58
N SER A 142 -28.95 43.19 -4.95
CA SER A 142 -29.08 43.12 -3.50
C SER A 142 -28.81 41.68 -3.09
N LEU A 143 -27.78 41.46 -2.26
CA LEU A 143 -27.36 40.12 -1.91
C LEU A 143 -28.46 39.33 -1.21
N SER A 144 -29.42 40.01 -0.58
CA SER A 144 -30.54 39.31 0.03
C SER A 144 -31.35 38.57 -1.02
N GLU A 145 -31.70 39.25 -2.11
CA GLU A 145 -32.47 38.61 -3.17
C GLU A 145 -31.67 37.52 -3.87
N VAL A 146 -30.34 37.64 -3.90
CA VAL A 146 -29.52 36.65 -4.59
C VAL A 146 -29.50 35.34 -3.81
N LEU A 147 -29.42 35.43 -2.48
CA LEU A 147 -29.42 34.24 -1.63
C LEU A 147 -30.80 33.58 -1.54
N TRP A 148 -31.87 34.35 -1.74
CA TRP A 148 -33.20 33.73 -1.78
C TRP A 148 -33.35 32.83 -3.00
N VAL A 149 -32.79 33.23 -4.13
CA VAL A 149 -32.87 32.42 -5.34
C VAL A 149 -32.03 31.16 -5.18
N CYS A 150 -30.86 31.28 -4.55
CA CYS A 150 -30.01 30.12 -4.35
C CYS A 150 -30.66 29.10 -3.41
N ALA A 151 -31.24 29.58 -2.31
CA ALA A 151 -31.91 28.67 -1.39
C ALA A 151 -33.16 28.04 -2.02
N ASN A 152 -33.76 28.73 -2.99
CA ASN A 152 -34.91 28.17 -3.68
C ASN A 152 -34.52 27.01 -4.59
N LEU A 153 -33.28 27.01 -5.08
CA LEU A 153 -32.81 25.88 -5.89
C LEU A 153 -32.64 24.62 -5.04
N PHE A 154 -32.30 24.78 -3.76
CA PHE A 154 -32.17 23.61 -2.89
C PHE A 154 -33.53 22.99 -2.57
N SER A 155 -34.59 23.80 -2.56
CA SER A 155 -35.91 23.27 -2.23
C SER A 155 -36.56 22.58 -3.42
N ASP A 156 -36.20 22.95 -4.65
CA ASP A 156 -36.79 22.38 -5.85
C ASP A 156 -36.24 21.02 -6.20
N VAL A 157 -35.30 20.47 -5.42
CA VAL A 157 -34.68 19.21 -5.77
C VAL A 157 -35.67 18.07 -5.59
N GLN A 158 -35.74 17.17 -6.57
CA GLN A 158 -36.54 15.97 -6.44
C GLN A 158 -35.79 14.89 -5.67
N PHE A 159 -34.47 14.84 -5.81
CA PHE A 159 -33.65 13.88 -5.10
C PHE A 159 -33.56 14.26 -3.63
N LYS A 160 -33.08 13.31 -2.82
CA LYS A 160 -32.74 13.61 -1.44
C LYS A 160 -31.35 14.25 -1.39
N MET A 161 -31.19 15.22 -0.50
CA MET A 161 -29.95 15.97 -0.40
C MET A 161 -29.34 15.83 0.99
N SER A 162 -28.02 15.92 1.04
CA SER A 162 -27.30 15.89 2.31
C SER A 162 -26.73 17.27 2.63
N HIS A 163 -25.58 17.60 2.04
CA HIS A 163 -24.98 18.90 2.22
C HIS A 163 -25.51 19.87 1.19
N LYS A 164 -25.75 21.11 1.62
CA LYS A 164 -26.24 22.19 0.77
C LYS A 164 -25.30 23.37 0.94
N ARG A 165 -24.51 23.66 -0.09
CA ARG A 165 -23.45 24.67 0.01
C ARG A 165 -23.51 25.61 -1.18
N ILE A 166 -23.22 26.89 -0.92
CA ILE A 166 -23.15 27.92 -1.93
C ILE A 166 -21.73 28.46 -1.97
N MET A 167 -21.16 28.58 -3.17
CA MET A 167 -19.80 29.04 -3.36
C MET A 167 -19.81 30.34 -4.13
N LEU A 168 -19.36 31.42 -3.50
CA LEU A 168 -19.45 32.77 -4.05
C LEU A 168 -18.11 33.20 -4.63
N PHE A 169 -18.14 33.69 -5.88
CA PHE A 169 -16.95 34.18 -6.57
C PHE A 169 -17.10 35.68 -6.77
N THR A 170 -16.29 36.46 -6.07
CA THR A 170 -16.36 37.91 -6.19
C THR A 170 -15.06 38.53 -5.73
N ASN A 171 -14.73 39.69 -6.31
CA ASN A 171 -13.59 40.48 -5.88
C ASN A 171 -14.04 41.77 -5.18
N GLU A 172 -15.29 41.82 -4.75
CA GLU A 172 -15.86 42.97 -4.06
C GLU A 172 -16.03 42.62 -2.58
N ASP A 173 -15.30 43.32 -1.71
CA ASP A 173 -15.33 43.03 -0.29
C ASP A 173 -16.33 43.90 0.47
N ASN A 174 -17.00 44.84 -0.20
CA ASN A 174 -18.02 45.69 0.44
C ASN A 174 -19.09 46.00 -0.59
N PRO A 175 -19.95 45.03 -0.90
CA PRO A 175 -20.96 45.25 -1.95
C PRO A 175 -21.99 46.31 -1.59
N HIS A 176 -22.34 46.46 -0.32
CA HIS A 176 -23.38 47.39 0.10
C HIS A 176 -22.90 48.25 1.26
N GLY A 177 -21.69 48.79 1.12
CA GLY A 177 -21.23 49.81 2.05
C GLY A 177 -21.87 51.16 1.85
N ASN A 178 -22.65 51.33 0.78
CA ASN A 178 -23.37 52.56 0.50
C ASN A 178 -24.88 52.40 0.70
N ASP A 179 -25.35 51.22 1.05
CA ASP A 179 -26.79 50.96 1.21
C ASP A 179 -26.93 50.05 2.43
N SER A 180 -27.20 50.65 3.59
CA SER A 180 -27.37 49.88 4.80
C SER A 180 -28.63 49.03 4.79
N ALA A 181 -29.63 49.41 3.99
CA ALA A 181 -30.85 48.63 3.90
C ALA A 181 -30.63 47.30 3.19
N LYS A 182 -29.68 47.25 2.25
CA LYS A 182 -29.36 46.02 1.56
C LYS A 182 -28.34 45.18 2.31
N ALA A 183 -27.38 45.83 2.99
CA ALA A 183 -26.39 45.08 3.76
C ALA A 183 -27.00 44.43 4.99
N SER A 184 -28.00 45.08 5.61
CA SER A 184 -28.65 44.50 6.77
C SER A 184 -29.53 43.33 6.38
N ARG A 185 -30.20 43.42 5.23
CA ARG A 185 -31.00 42.29 4.76
C ARG A 185 -30.12 41.15 4.26
N ALA A 186 -28.90 41.44 3.84
CA ALA A 186 -27.99 40.39 3.42
C ALA A 186 -27.45 39.61 4.61
N ARG A 187 -27.19 40.29 5.72
CA ARG A 187 -26.73 39.61 6.93
C ARG A 187 -27.84 38.75 7.53
N THR A 188 -29.07 39.25 7.51
CA THR A 188 -30.19 38.48 8.06
C THR A 188 -30.46 37.24 7.22
N LYS A 189 -30.41 37.36 5.89
CA LYS A 189 -30.59 36.20 5.04
C LYS A 189 -29.43 35.22 5.16
N ALA A 190 -28.22 35.73 5.33
CA ALA A 190 -27.06 34.86 5.51
C ALA A 190 -27.17 34.09 6.83
N GLY A 191 -27.64 34.75 7.88
CA GLY A 191 -27.88 34.05 9.13
C GLY A 191 -29.00 33.04 9.06
N ASP A 192 -30.00 33.31 8.20
CA ASP A 192 -31.07 32.34 8.00
C ASP A 192 -30.59 31.11 7.27
N LEU A 193 -29.56 31.25 6.43
CA LEU A 193 -29.01 30.09 5.72
C LEU A 193 -28.26 29.17 6.66
N ARG A 194 -27.53 29.73 7.63
CA ARG A 194 -26.80 28.91 8.58
C ARG A 194 -27.75 28.13 9.47
N ASP A 195 -28.87 28.73 9.85
CA ASP A 195 -29.86 28.02 10.66
C ASP A 195 -30.58 26.96 9.84
N THR A 196 -30.86 27.26 8.56
CA THR A 196 -31.50 26.28 7.69
C THR A 196 -30.61 25.06 7.48
N GLY A 197 -29.32 25.28 7.33
CA GLY A 197 -28.38 24.20 7.11
C GLY A 197 -27.61 24.35 5.82
N ILE A 198 -27.63 25.55 5.25
CA ILE A 198 -26.95 25.86 4.01
C ILE A 198 -25.63 26.54 4.32
N PHE A 199 -24.54 26.01 3.77
CA PHE A 199 -23.22 26.56 3.98
C PHE A 199 -22.89 27.57 2.88
N LEU A 200 -22.13 28.59 3.24
CA LEU A 200 -21.71 29.64 2.31
C LEU A 200 -20.20 29.80 2.42
N ASP A 201 -19.49 29.45 1.35
CA ASP A 201 -18.04 29.59 1.28
C ASP A 201 -17.69 30.72 0.32
N LEU A 202 -16.79 31.59 0.75
CA LEU A 202 -16.40 32.76 -0.03
C LEU A 202 -15.12 32.46 -0.79
N MET A 203 -15.18 32.58 -2.12
CA MET A 203 -13.99 32.47 -2.96
C MET A 203 -13.58 33.87 -3.43
N HIS A 204 -13.12 34.65 -2.46
CA HIS A 204 -12.74 36.03 -2.72
C HIS A 204 -11.53 36.10 -3.65
N LEU A 205 -11.62 36.96 -4.65
CA LEU A 205 -10.59 37.14 -5.66
C LEU A 205 -9.84 38.44 -5.42
N LYS A 206 -8.79 38.65 -6.21
CA LYS A 206 -7.90 39.78 -5.95
C LYS A 206 -8.58 41.12 -6.23
N LYS A 207 -8.29 42.09 -5.38
CA LYS A 207 -8.82 43.44 -5.45
C LYS A 207 -7.66 44.40 -5.19
N PRO A 208 -7.60 45.53 -5.89
CA PRO A 208 -6.54 46.51 -5.61
C PRO A 208 -6.55 46.95 -4.15
N GLY A 209 -5.41 46.79 -3.49
CA GLY A 209 -5.30 47.04 -2.07
C GLY A 209 -5.58 45.84 -1.20
N GLY A 210 -6.06 44.74 -1.77
CA GLY A 210 -6.35 43.54 -1.02
C GLY A 210 -7.84 43.38 -0.74
N PHE A 211 -8.24 42.14 -0.51
CA PHE A 211 -9.61 41.82 -0.15
C PHE A 211 -9.73 41.77 1.37
N ASP A 212 -10.60 42.61 1.92
CA ASP A 212 -10.81 42.71 3.36
C ASP A 212 -12.09 41.98 3.72
N ILE A 213 -11.97 40.81 4.34
CA ILE A 213 -13.14 40.04 4.73
C ILE A 213 -13.83 40.67 5.93
N SER A 214 -13.09 41.33 6.83
CA SER A 214 -13.67 41.92 8.02
C SER A 214 -14.62 43.06 7.70
N LEU A 215 -14.67 43.53 6.45
CA LEU A 215 -15.55 44.65 6.12
C LEU A 215 -17.01 44.23 6.07
N PHE A 216 -17.28 43.03 5.54
CA PHE A 216 -18.67 42.65 5.30
C PHE A 216 -18.87 41.14 5.38
N TYR A 217 -18.07 40.36 4.65
CA TYR A 217 -18.28 38.92 4.57
C TYR A 217 -17.86 38.18 5.83
N ARG A 218 -17.41 38.87 6.87
CA ARG A 218 -17.11 38.21 8.14
C ARG A 218 -18.38 37.68 8.79
N ASP A 219 -19.52 38.34 8.56
CA ASP A 219 -20.80 37.97 9.16
C ASP A 219 -21.68 37.20 8.17
N ILE A 220 -21.08 36.51 7.20
CA ILE A 220 -21.87 35.82 6.17
C ILE A 220 -21.37 34.39 5.99
N ILE A 221 -20.05 34.22 5.89
CA ILE A 221 -19.50 32.90 5.65
C ILE A 221 -19.82 31.97 6.81
N SER A 222 -19.98 30.68 6.51
CA SER A 222 -20.34 29.68 7.50
C SER A 222 -19.08 29.03 8.06
N ILE A 223 -18.90 29.13 9.38
CA ILE A 223 -17.78 28.49 10.05
C ILE A 223 -18.14 28.33 11.52
N ALA A 224 -17.65 27.25 12.12
CA ALA A 224 -17.89 26.97 13.53
C ALA A 224 -16.88 25.95 14.02
N GLU A 225 -16.33 25.15 13.10
CA GLU A 225 -15.34 24.14 13.46
C GLU A 225 -14.00 24.77 13.79
N ASP A 226 -13.69 25.94 13.22
CA ASP A 226 -12.41 26.58 13.46
C ASP A 226 -12.20 26.87 14.93
N GLU A 227 -10.96 26.72 15.39
CA GLU A 227 -10.63 26.86 16.80
C GLU A 227 -10.42 28.33 17.16
N ASP A 228 -11.35 29.19 16.77
CA ASP A 228 -11.25 30.64 17.01
C ASP A 228 -9.95 31.19 16.44
N LEU A 229 -9.52 30.64 15.31
CA LEU A 229 -8.27 31.04 14.67
C LEU A 229 -8.46 32.09 13.58
N ARG A 230 -9.63 32.11 12.93
CA ARG A 230 -9.93 33.08 11.87
C ARG A 230 -8.89 33.02 10.75
N VAL A 231 -8.45 31.81 10.42
CA VAL A 231 -7.44 31.62 9.39
C VAL A 231 -8.01 31.93 8.01
N HIS A 232 -8.72 30.96 7.43
CA HIS A 232 -9.38 31.11 6.13
C HIS A 232 -8.37 31.24 4.99
N PHE A 233 -8.80 30.93 3.78
CA PHE A 233 -7.92 31.04 2.62
C PHE A 233 -7.60 32.50 2.31
N GLU A 234 -6.43 32.71 1.70
CA GLU A 234 -6.06 34.03 1.22
C GLU A 234 -6.80 34.34 -0.08
N GLU A 235 -6.67 35.57 -0.54
CA GLU A 235 -7.30 35.97 -1.79
C GLU A 235 -6.64 35.25 -2.96
N SER A 236 -7.44 34.98 -4.00
CA SER A 236 -6.99 34.25 -5.17
C SER A 236 -6.62 35.22 -6.28
N SER A 237 -5.37 35.16 -6.73
CA SER A 237 -4.91 35.93 -7.88
C SER A 237 -4.55 35.07 -9.08
N LYS A 238 -4.35 33.77 -8.90
CA LYS A 238 -4.07 32.85 -10.00
C LYS A 238 -5.19 31.82 -10.09
N LEU A 239 -5.32 31.23 -11.28
CA LEU A 239 -6.33 30.18 -11.46
C LEU A 239 -5.99 28.94 -10.66
N GLU A 240 -4.70 28.66 -10.48
CA GLU A 240 -4.30 27.48 -9.71
C GLU A 240 -4.70 27.61 -8.25
N ASP A 241 -4.60 28.81 -7.68
CA ASP A 241 -4.95 29.00 -6.28
C ASP A 241 -6.45 28.93 -6.08
N LEU A 242 -7.22 29.58 -6.95
CA LEU A 242 -8.67 29.49 -6.85
C LEU A 242 -9.15 28.06 -7.08
N LEU A 243 -8.43 27.29 -7.89
CA LEU A 243 -8.84 25.92 -8.15
C LEU A 243 -8.62 25.03 -6.93
N ARG A 244 -7.47 25.17 -6.27
CA ARG A 244 -7.19 24.34 -5.09
C ARG A 244 -8.12 24.68 -3.94
N LYS A 245 -8.43 25.97 -3.76
CA LYS A 245 -9.34 26.37 -2.68
C LYS A 245 -10.74 25.84 -2.91
N VAL A 246 -11.18 25.77 -4.16
CA VAL A 246 -12.47 25.16 -4.47
C VAL A 246 -12.38 23.65 -4.39
N ARG A 247 -11.25 23.08 -4.82
CA ARG A 247 -11.07 21.63 -4.72
C ARG A 247 -11.03 21.17 -3.27
N ALA A 248 -10.54 22.01 -2.36
CA ALA A 248 -10.54 21.67 -0.95
C ALA A 248 -11.93 21.63 -0.34
N LYS A 249 -12.94 22.12 -1.06
CA LYS A 249 -14.33 22.10 -0.58
C LYS A 249 -15.30 21.56 -1.62
N GLU A 250 -14.81 21.07 -2.75
CA GLU A 250 -15.71 20.51 -3.77
C GLU A 250 -16.24 19.15 -3.36
N THR A 251 -15.45 18.37 -2.62
CA THR A 251 -15.87 17.08 -2.11
C THR A 251 -15.60 17.02 -0.60
N ARG A 252 -16.53 16.44 0.13
CA ARG A 252 -16.46 16.38 1.58
C ARG A 252 -15.70 15.13 2.02
N LYS A 253 -15.44 15.05 3.33
CA LYS A 253 -14.74 13.89 3.86
C LYS A 253 -15.57 12.63 3.69
N ARG A 254 -14.88 11.51 3.48
CA ARG A 254 -15.55 10.21 3.42
C ARG A 254 -14.55 9.17 3.92
N ALA A 255 -14.76 8.70 5.15
CA ALA A 255 -13.81 7.77 5.77
C ALA A 255 -13.91 6.39 5.12
N LEU A 256 -12.75 5.77 4.92
CA LEU A 256 -12.73 4.40 4.42
C LEU A 256 -13.28 3.42 5.45
N SER A 257 -12.97 3.66 6.73
CA SER A 257 -13.47 2.82 7.82
C SER A 257 -13.20 3.52 9.14
N ARG A 258 -14.10 3.32 10.09
CA ARG A 258 -13.91 3.76 11.47
C ARG A 258 -13.50 2.56 12.30
N LEU A 259 -12.29 2.58 12.83
CA LEU A 259 -11.73 1.45 13.55
C LEU A 259 -11.33 1.86 14.96
N LYS A 260 -11.02 0.84 15.77
CA LYS A 260 -10.62 1.03 17.16
C LYS A 260 -9.11 0.92 17.27
N LEU A 261 -8.48 1.96 17.83
CA LEU A 261 -7.05 1.97 18.09
C LEU A 261 -6.84 1.63 19.57
N LYS A 262 -6.40 0.40 19.84
CA LYS A 262 -6.32 -0.13 21.20
C LYS A 262 -4.89 -0.03 21.70
N LEU A 263 -4.67 0.82 22.71
CA LEU A 263 -3.38 0.79 23.41
C LEU A 263 -3.25 -0.51 24.19
N ASN A 264 -4.30 -0.92 24.87
CA ASN A 264 -4.42 -2.26 25.43
C ASN A 264 -5.88 -2.67 25.29
N LYS A 265 -6.33 -3.58 26.14
CA LYS A 265 -7.72 -4.03 26.09
C LYS A 265 -8.68 -3.03 26.72
N ASP A 266 -8.20 -2.16 27.61
CA ASP A 266 -9.06 -1.21 28.31
C ASP A 266 -9.01 0.20 27.73
N ILE A 267 -7.88 0.61 27.17
CA ILE A 267 -7.71 1.95 26.62
C ILE A 267 -7.92 1.84 25.11
N VAL A 268 -9.09 2.25 24.65
CA VAL A 268 -9.46 2.15 23.24
C VAL A 268 -9.98 3.50 22.77
N ILE A 269 -9.41 3.99 21.68
CA ILE A 269 -9.89 5.22 21.04
C ILE A 269 -10.40 4.86 19.65
N SER A 270 -11.18 5.78 19.08
CA SER A 270 -11.76 5.60 17.76
C SER A 270 -11.03 6.49 16.76
N VAL A 271 -10.62 5.90 15.64
CA VAL A 271 -9.90 6.61 14.60
C VAL A 271 -10.61 6.38 13.26
N GLY A 272 -10.37 7.31 12.34
CA GLY A 272 -10.91 7.24 11.00
C GLY A 272 -9.81 7.02 9.98
N ILE A 273 -10.03 6.05 9.10
CA ILE A 273 -9.06 5.69 8.07
C ILE A 273 -9.49 6.34 6.76
N TYR A 274 -8.59 7.10 6.14
CA TYR A 274 -8.88 7.82 4.91
C TYR A 274 -7.83 7.46 3.87
N ASN A 275 -8.24 7.53 2.60
CA ASN A 275 -7.35 7.28 1.47
C ASN A 275 -7.18 8.60 0.72
N LEU A 276 -6.18 9.40 1.13
CA LEU A 276 -5.90 10.64 0.43
C LEU A 276 -5.39 10.41 -0.99
N VAL A 277 -4.92 9.21 -1.28
CA VAL A 277 -4.51 8.82 -2.64
C VAL A 277 -5.25 7.55 -3.01
N GLN A 278 -5.76 7.51 -4.24
CA GLN A 278 -6.49 6.35 -4.72
C GLN A 278 -6.40 6.31 -6.23
N LYS A 279 -5.98 5.17 -6.78
CA LYS A 279 -5.73 5.04 -8.21
C LYS A 279 -7.04 5.18 -8.98
N ALA A 280 -7.23 6.33 -9.62
CA ALA A 280 -8.41 6.57 -10.45
C ALA A 280 -8.30 5.74 -11.71
N LEU A 281 -9.21 4.77 -11.87
CA LEU A 281 -9.17 3.85 -13.00
C LEU A 281 -10.26 4.19 -14.01
N LYS A 282 -10.09 3.67 -15.22
CA LYS A 282 -11.05 3.84 -16.29
C LYS A 282 -12.40 3.24 -15.88
N PRO A 283 -13.49 4.01 -15.93
CA PRO A 283 -14.79 3.49 -15.49
C PRO A 283 -15.20 2.27 -16.29
N PRO A 284 -15.81 1.29 -15.64
CA PRO A 284 -16.17 0.04 -16.32
C PRO A 284 -17.32 0.27 -17.28
N PRO A 285 -17.43 -0.55 -18.32
CA PRO A 285 -18.56 -0.41 -19.26
C PRO A 285 -19.88 -0.78 -18.61
N ILE A 286 -20.96 -0.35 -19.26
CA ILE A 286 -22.32 -0.61 -18.79
C ILE A 286 -23.14 -1.13 -19.96
N LYS A 287 -23.87 -2.22 -19.73
CA LYS A 287 -24.65 -2.86 -20.78
C LYS A 287 -25.94 -2.08 -21.02
N LEU A 288 -26.27 -1.86 -22.29
CA LEU A 288 -27.43 -1.08 -22.69
C LEU A 288 -28.33 -1.91 -23.60
N TYR A 289 -29.57 -1.46 -23.75
CA TYR A 289 -30.50 -2.05 -24.69
C TYR A 289 -30.31 -1.39 -26.05
N ARG A 290 -30.07 -2.22 -27.07
CA ARG A 290 -29.64 -1.69 -28.37
C ARG A 290 -30.69 -0.78 -29.00
N GLU A 291 -31.96 -1.10 -28.81
CA GLU A 291 -33.02 -0.34 -29.48
C GLU A 291 -33.43 0.92 -28.72
N THR A 292 -33.00 1.08 -27.46
CA THR A 292 -33.36 2.27 -26.69
C THR A 292 -32.20 2.89 -25.93
N ASN A 293 -31.01 2.28 -25.98
CA ASN A 293 -29.84 2.78 -25.25
C ASN A 293 -30.12 2.89 -23.75
N GLU A 294 -30.96 1.99 -23.23
CA GLU A 294 -31.37 1.99 -21.84
C GLU A 294 -30.50 1.03 -21.04
N PRO A 295 -30.05 1.40 -19.84
CA PRO A 295 -29.25 0.48 -19.02
C PRO A 295 -30.04 -0.78 -18.70
N VAL A 296 -29.32 -1.87 -18.49
CA VAL A 296 -29.90 -3.20 -18.32
C VAL A 296 -29.48 -3.76 -16.97
N LYS A 297 -30.45 -4.24 -16.21
CA LYS A 297 -30.18 -4.89 -14.93
C LYS A 297 -29.61 -6.29 -15.17
N THR A 298 -28.72 -6.71 -14.26
CA THR A 298 -28.06 -8.00 -14.36
C THR A 298 -28.17 -8.75 -13.04
N LYS A 299 -28.64 -9.99 -13.10
CA LYS A 299 -28.80 -10.84 -11.91
C LYS A 299 -28.12 -12.17 -12.16
N THR A 300 -27.25 -12.57 -11.23
CA THR A 300 -26.48 -13.80 -11.34
C THR A 300 -26.92 -14.76 -10.25
N ARG A 301 -27.40 -15.94 -10.64
CA ARG A 301 -27.81 -16.97 -9.71
C ARG A 301 -27.05 -18.26 -9.97
N THR A 302 -27.20 -19.21 -9.04
CA THR A 302 -26.49 -20.48 -9.09
C THR A 302 -27.50 -21.61 -8.91
N PHE A 303 -27.44 -22.61 -9.78
CA PHE A 303 -28.37 -23.73 -9.71
C PHE A 303 -27.63 -25.04 -9.92
N ASN A 304 -28.26 -26.12 -9.48
CA ASN A 304 -27.73 -27.45 -9.73
C ASN A 304 -27.87 -27.78 -11.22
N THR A 305 -26.86 -28.44 -11.78
CA THR A 305 -26.87 -28.74 -13.20
C THR A 305 -27.93 -29.79 -13.55
N SER A 306 -28.07 -30.81 -12.70
CA SER A 306 -28.98 -31.90 -13.01
C SER A 306 -30.44 -31.47 -12.82
N THR A 307 -30.80 -31.07 -11.59
CA THR A 307 -32.20 -30.75 -11.31
C THR A 307 -32.58 -29.36 -11.76
N GLY A 308 -31.66 -28.40 -11.71
CA GLY A 308 -31.96 -27.03 -12.06
C GLY A 308 -32.47 -26.17 -10.93
N GLY A 309 -32.48 -26.68 -9.71
CA GLY A 309 -32.99 -25.91 -8.59
C GLY A 309 -31.96 -24.96 -8.02
N LEU A 310 -32.46 -23.90 -7.39
CA LEU A 310 -31.58 -22.89 -6.81
C LEU A 310 -30.72 -23.50 -5.70
N LEU A 311 -29.46 -23.08 -5.65
CA LEU A 311 -28.49 -23.61 -4.69
C LEU A 311 -28.35 -22.63 -3.53
N LEU A 312 -28.77 -23.05 -2.34
CA LEU A 312 -28.56 -22.28 -1.14
C LEU A 312 -27.07 -22.29 -0.76
N PRO A 313 -26.62 -21.32 0.03
CA PRO A 313 -25.23 -21.35 0.50
C PRO A 313 -24.89 -22.57 1.33
N SER A 314 -25.88 -23.21 1.95
CA SER A 314 -25.67 -24.44 2.70
C SER A 314 -25.76 -25.69 1.82
N ASP A 315 -25.96 -25.52 0.52
CA ASP A 315 -26.02 -26.65 -0.42
C ASP A 315 -24.72 -26.84 -1.18
N THR A 316 -23.66 -26.13 -0.82
CA THR A 316 -22.38 -26.24 -1.51
C THR A 316 -21.25 -26.09 -0.50
N LYS A 317 -20.09 -26.64 -0.86
CA LYS A 317 -18.91 -26.61 -0.01
C LYS A 317 -17.70 -26.20 -0.85
N ARG A 318 -16.59 -25.93 -0.16
CA ARG A 318 -15.36 -25.49 -0.80
C ARG A 318 -14.39 -26.65 -0.92
N SER A 319 -13.63 -26.68 -2.01
CA SER A 319 -12.73 -27.78 -2.32
C SER A 319 -11.36 -27.25 -2.73
N GLN A 320 -10.33 -28.03 -2.41
CA GLN A 320 -8.96 -27.74 -2.83
C GLN A 320 -8.25 -29.06 -3.03
N ILE A 321 -7.79 -29.32 -4.26
CA ILE A 321 -7.20 -30.60 -4.63
C ILE A 321 -5.69 -30.46 -4.66
N TYR A 322 -5.00 -31.35 -3.95
CA TYR A 322 -3.53 -31.41 -3.94
C TYR A 322 -3.12 -32.82 -4.36
N GLY A 323 -2.49 -32.92 -5.53
CA GLY A 323 -2.11 -34.21 -6.06
C GLY A 323 -3.29 -35.05 -6.47
N SER A 324 -3.63 -36.05 -5.65
CA SER A 324 -4.81 -36.87 -5.86
C SER A 324 -5.71 -36.93 -4.62
N ARG A 325 -5.63 -35.91 -3.77
CA ARG A 325 -6.39 -35.87 -2.54
C ARG A 325 -7.18 -34.56 -2.48
N GLN A 326 -8.44 -34.67 -2.08
CA GLN A 326 -9.35 -33.53 -2.02
C GLN A 326 -9.57 -33.13 -0.57
N ILE A 327 -9.46 -31.83 -0.29
CA ILE A 327 -9.66 -31.28 1.05
C ILE A 327 -10.91 -30.42 1.01
N ILE A 328 -11.93 -30.83 1.76
CA ILE A 328 -13.24 -30.18 1.74
C ILE A 328 -13.40 -29.37 3.02
N LEU A 329 -13.67 -28.08 2.87
CA LEU A 329 -13.98 -27.20 3.99
C LEU A 329 -15.32 -26.52 3.74
N GLU A 330 -16.00 -26.18 4.83
CA GLU A 330 -17.20 -25.36 4.73
C GLU A 330 -16.82 -23.92 4.41
N LYS A 331 -17.81 -23.16 3.92
CA LYS A 331 -17.58 -21.74 3.68
C LYS A 331 -17.26 -21.01 4.97
N GLU A 332 -17.83 -21.45 6.10
CA GLU A 332 -17.53 -20.84 7.39
C GLU A 332 -16.11 -21.13 7.83
N GLU A 333 -15.54 -22.25 7.39
CA GLU A 333 -14.20 -22.65 7.79
C GLU A 333 -13.11 -22.03 6.93
N THR A 334 -13.41 -21.71 5.66
CA THR A 334 -12.43 -21.00 4.84
C THR A 334 -12.22 -19.57 5.34
N GLU A 335 -13.22 -19.01 6.00
CA GLU A 335 -13.09 -17.70 6.65
C GLU A 335 -12.55 -17.80 8.06
N GLU A 336 -12.72 -18.96 8.71
CA GLU A 336 -12.24 -19.12 10.08
C GLU A 336 -10.72 -19.18 10.13
N LEU A 337 -10.10 -19.82 9.14
CA LEU A 337 -8.65 -19.87 9.09
C LEU A 337 -8.02 -18.51 8.80
N LYS A 338 -8.83 -17.56 8.30
CA LYS A 338 -8.35 -16.20 8.13
C LYS A 338 -8.44 -15.38 9.41
N ARG A 339 -9.20 -15.85 10.40
CA ARG A 339 -9.48 -15.06 11.58
C ARG A 339 -8.26 -15.03 12.51
N PHE A 340 -7.85 -13.81 12.88
CA PHE A 340 -6.78 -13.62 13.85
C PHE A 340 -7.19 -12.58 14.88
N ASP A 341 -7.09 -11.31 14.51
CA ASP A 341 -7.47 -10.20 15.38
C ASP A 341 -8.86 -9.69 15.02
N ASP A 342 -9.53 -9.10 16.00
CA ASP A 342 -10.75 -8.37 15.71
C ASP A 342 -10.39 -7.08 14.95
N PRO A 343 -11.32 -6.57 14.14
CA PRO A 343 -11.02 -5.36 13.35
C PRO A 343 -10.61 -4.20 14.23
N GLY A 344 -9.46 -3.63 13.91
CA GLY A 344 -8.94 -2.51 14.66
C GLY A 344 -7.43 -2.44 14.55
N LEU A 345 -6.83 -1.60 15.40
CA LEU A 345 -5.39 -1.39 15.44
C LEU A 345 -4.90 -1.69 16.84
N MET A 346 -4.12 -2.75 16.99
CA MET A 346 -3.52 -3.11 18.28
C MET A 346 -2.10 -2.53 18.35
N LEU A 347 -1.88 -1.66 19.33
CA LEU A 347 -0.59 -0.99 19.46
C LEU A 347 0.48 -2.00 19.87
N MET A 348 1.55 -2.07 19.08
CA MET A 348 2.64 -3.00 19.36
C MET A 348 3.77 -2.33 20.13
N GLY A 349 4.02 -1.05 19.86
CA GLY A 349 5.11 -0.33 20.50
C GLY A 349 5.42 0.93 19.72
N PHE A 350 6.66 1.41 19.90
CA PHE A 350 7.13 2.62 19.24
C PHE A 350 8.54 2.37 18.71
N LYS A 351 8.71 2.56 17.40
CA LYS A 351 9.96 2.34 16.70
C LYS A 351 10.45 3.63 16.07
N PRO A 352 11.73 3.95 16.19
CA PRO A 352 12.24 5.19 15.59
C PRO A 352 12.08 5.19 14.07
N LEU A 353 11.92 6.39 13.52
CA LEU A 353 11.62 6.55 12.11
C LEU A 353 12.76 6.09 11.20
N VAL A 354 13.99 6.05 11.71
CA VAL A 354 15.12 5.65 10.87
C VAL A 354 15.12 4.16 10.60
N LEU A 355 14.38 3.37 11.37
CA LEU A 355 14.29 1.93 11.15
C LEU A 355 13.25 1.56 10.11
N LEU A 356 12.48 2.52 9.60
CA LEU A 356 11.48 2.28 8.56
C LEU A 356 12.09 2.66 7.22
N LYS A 357 12.34 1.66 6.38
CA LYS A 357 13.01 1.89 5.11
C LYS A 357 12.03 2.37 4.05
N LYS A 358 12.50 3.29 3.21
CA LYS A 358 11.66 3.86 2.16
C LYS A 358 11.44 2.88 1.02
N HIS A 359 12.38 1.97 0.80
CA HIS A 359 12.27 0.98 -0.27
C HIS A 359 11.48 -0.27 0.16
N HIS A 360 10.84 -0.24 1.33
CA HIS A 360 9.99 -1.32 1.79
C HIS A 360 8.51 -1.04 1.52
N TYR A 361 8.22 -0.24 0.50
CA TYR A 361 6.84 0.06 0.15
C TYR A 361 6.12 -1.19 -0.33
N LEU A 362 4.88 -1.34 0.09
CA LEU A 362 4.06 -2.50 -0.28
C LEU A 362 2.77 -2.13 -0.96
N ARG A 363 2.05 -1.13 -0.46
CA ARG A 363 0.77 -0.72 -1.00
C ARG A 363 0.50 0.71 -0.54
N PRO A 364 -0.37 1.45 -1.24
CA PRO A 364 -0.54 2.87 -0.93
C PRO A 364 -0.92 3.11 0.53
N SER A 365 -0.26 4.10 1.14
CA SER A 365 -0.47 4.41 2.54
C SER A 365 -1.83 5.08 2.76
N LEU A 366 -2.28 5.05 4.01
CA LEU A 366 -3.54 5.63 4.42
C LEU A 366 -3.31 6.69 5.48
N PHE A 367 -4.37 7.41 5.82
CA PHE A 367 -4.32 8.50 6.78
C PHE A 367 -5.22 8.18 7.96
N VAL A 368 -4.71 8.43 9.18
CA VAL A 368 -5.43 8.16 10.41
C VAL A 368 -5.75 9.49 11.09
N TYR A 369 -7.03 9.68 11.42
CA TYR A 369 -7.51 10.89 12.07
C TYR A 369 -8.48 10.50 13.16
N PRO A 370 -8.46 11.17 14.31
CA PRO A 370 -9.34 10.78 15.42
C PRO A 370 -10.80 11.01 15.08
N GLU A 371 -11.63 10.04 15.46
CA GLU A 371 -13.08 10.10 15.24
C GLU A 371 -13.73 10.35 16.59
N GLU A 372 -13.95 11.64 16.90
CA GLU A 372 -14.53 12.01 18.19
C GLU A 372 -15.99 11.62 18.32
N SER A 373 -16.68 11.37 17.20
CA SER A 373 -18.10 11.06 17.24
C SER A 373 -18.39 9.69 17.85
N LEU A 374 -17.42 8.78 17.83
CA LEU A 374 -17.64 7.44 18.38
C LEU A 374 -17.21 7.35 19.84
N VAL A 375 -15.94 7.61 20.12
CA VAL A 375 -15.39 7.55 21.47
C VAL A 375 -14.97 8.96 21.86
N ILE A 376 -15.68 9.53 22.84
CA ILE A 376 -15.35 10.87 23.32
C ILE A 376 -14.03 10.83 24.06
N GLY A 377 -13.14 11.78 23.75
CA GLY A 377 -11.82 11.82 24.33
C GLY A 377 -10.73 11.20 23.49
N SER A 378 -11.04 10.75 22.27
CA SER A 378 -10.03 10.15 21.42
C SER A 378 -9.08 11.19 20.85
N SER A 379 -9.57 12.41 20.57
CA SER A 379 -8.73 13.43 19.98
C SER A 379 -7.66 13.92 20.95
N THR A 380 -7.95 13.93 22.25
CA THR A 380 -6.97 14.36 23.23
C THR A 380 -5.82 13.36 23.33
N LEU A 381 -6.14 12.07 23.38
CA LEU A 381 -5.09 11.05 23.38
C LEU A 381 -4.39 11.01 22.03
N PHE A 382 -5.13 11.22 20.94
CA PHE A 382 -4.52 11.26 19.61
C PHE A 382 -3.54 12.41 19.49
N SER A 383 -3.91 13.59 19.98
CA SER A 383 -3.03 14.75 19.88
C SER A 383 -1.79 14.58 20.75
N ALA A 384 -1.96 14.03 21.95
CA ALA A 384 -0.81 13.81 22.83
C ALA A 384 0.14 12.78 22.24
N LEU A 385 -0.39 11.76 21.57
CA LEU A 385 0.47 10.79 20.90
C LEU A 385 1.14 11.40 19.68
N LEU A 386 0.44 12.26 18.96
CA LEU A 386 1.03 12.91 17.79
C LEU A 386 2.13 13.88 18.18
N ILE A 387 1.94 14.60 19.29
CA ILE A 387 2.93 15.59 19.72
C ILE A 387 4.21 14.89 20.18
N LYS A 388 4.07 13.84 20.99
CA LYS A 388 5.25 13.17 21.53
C LYS A 388 5.94 12.29 20.51
N CYS A 389 5.21 11.75 19.53
CA CYS A 389 5.86 10.98 18.47
C CYS A 389 6.69 11.88 17.56
N LEU A 390 6.29 13.14 17.41
CA LEU A 390 7.07 14.08 16.60
C LEU A 390 8.33 14.54 17.34
N GLU A 391 8.23 14.74 18.65
CA GLU A 391 9.39 15.21 19.41
C GLU A 391 10.47 14.14 19.49
N LYS A 392 10.07 12.88 19.58
CA LYS A 392 11.01 11.77 19.70
C LYS A 392 11.32 11.10 18.37
N GLU A 393 10.70 11.55 17.28
CA GLU A 393 10.93 10.99 15.95
C GLU A 393 10.68 9.48 15.94
N VAL A 394 9.49 9.10 16.39
CA VAL A 394 9.14 7.70 16.58
C VAL A 394 7.80 7.43 15.90
N ALA A 395 7.63 6.19 15.44
CA ALA A 395 6.39 5.75 14.81
C ALA A 395 5.72 4.69 15.67
N ALA A 396 4.38 4.70 15.66
CA ALA A 396 3.59 3.77 16.45
C ALA A 396 3.33 2.52 15.63
N LEU A 397 4.01 1.43 15.96
CA LEU A 397 3.82 0.16 15.28
C LEU A 397 2.52 -0.49 15.74
N CYS A 398 1.68 -0.88 14.79
CA CYS A 398 0.37 -1.44 15.09
C CYS A 398 0.14 -2.70 14.29
N ARG A 399 -0.69 -3.58 14.84
CA ARG A 399 -1.15 -4.78 14.13
C ARG A 399 -2.53 -4.46 13.57
N TYR A 400 -2.62 -4.38 12.25
CA TYR A 400 -3.76 -3.80 11.56
C TYR A 400 -4.67 -4.88 11.00
N THR A 401 -5.97 -4.75 11.27
CA THR A 401 -6.98 -5.67 10.77
C THR A 401 -8.14 -4.83 10.21
N PRO A 402 -8.24 -4.70 8.88
CA PRO A 402 -9.26 -3.82 8.30
C PRO A 402 -10.69 -4.28 8.56
N ARG A 403 -11.04 -5.45 8.02
CA ARG A 403 -12.39 -5.99 8.10
C ARG A 403 -12.40 -7.21 9.00
N ARG A 404 -13.56 -7.85 9.09
CA ARG A 404 -13.70 -9.08 9.87
C ARG A 404 -13.16 -10.26 9.07
N ASN A 405 -12.54 -11.20 9.79
CA ASN A 405 -12.01 -12.43 9.20
C ASN A 405 -10.97 -12.14 8.13
N ILE A 406 -9.91 -11.43 8.53
CA ILE A 406 -8.79 -11.14 7.63
C ILE A 406 -7.50 -11.23 8.44
N PRO A 407 -6.45 -11.81 7.87
CA PRO A 407 -5.19 -11.91 8.62
C PRO A 407 -4.61 -10.53 8.87
N PRO A 408 -3.81 -10.39 9.92
CA PRO A 408 -3.28 -9.07 10.27
C PRO A 408 -2.05 -8.70 9.46
N TYR A 409 -1.75 -7.40 9.46
CA TYR A 409 -0.58 -6.86 8.79
C TYR A 409 0.01 -5.76 9.65
N PHE A 410 1.33 -5.80 9.84
CA PHE A 410 2.00 -4.79 10.63
C PHE A 410 2.04 -3.46 9.88
N VAL A 411 1.65 -2.39 10.54
CA VAL A 411 1.66 -1.05 9.97
C VAL A 411 2.36 -0.11 10.93
N ALA A 412 2.91 0.98 10.38
CA ALA A 412 3.64 1.97 11.14
C ALA A 412 2.93 3.31 11.00
N LEU A 413 2.36 3.81 12.10
CA LEU A 413 1.68 5.10 12.10
C LEU A 413 2.74 6.19 12.22
N VAL A 414 3.12 6.77 11.10
CA VAL A 414 4.17 7.80 11.09
C VAL A 414 3.54 9.14 11.46
N PRO A 415 4.10 9.86 12.44
CA PRO A 415 3.52 11.16 12.80
C PRO A 415 3.64 12.15 11.66
N GLN A 416 2.62 12.99 11.51
CA GLN A 416 2.51 13.90 10.38
C GLN A 416 2.00 15.24 10.88
N GLU A 417 2.84 16.27 10.80
CA GLU A 417 2.48 17.61 11.26
C GLU A 417 1.73 18.38 10.18
N GLU A 418 0.81 19.23 10.62
CA GLU A 418 0.03 20.06 9.71
C GLU A 418 0.94 21.04 8.97
N GLU A 419 0.66 21.24 7.68
CA GLU A 419 1.44 22.14 6.85
C GLU A 419 0.52 22.97 5.97
N LEU A 420 0.69 24.28 6.02
CA LEU A 420 -0.06 25.21 5.18
C LEU A 420 0.91 25.98 4.29
N ASP A 421 0.47 26.29 3.07
CA ASP A 421 1.29 27.05 2.14
C ASP A 421 1.00 28.54 2.30
N ASP A 422 1.43 29.34 1.32
CA ASP A 422 1.24 30.78 1.39
C ASP A 422 -0.22 31.19 1.25
N GLN A 423 -1.04 30.36 0.60
CA GLN A 423 -2.47 30.62 0.45
C GLN A 423 -3.29 30.05 1.60
N LYS A 424 -2.64 29.61 2.67
CA LYS A 424 -3.30 28.98 3.81
C LYS A 424 -4.10 27.75 3.40
N ILE A 425 -3.65 27.07 2.34
CA ILE A 425 -4.23 25.81 1.90
C ILE A 425 -3.50 24.67 2.61
N GLN A 426 -4.26 23.69 3.08
CA GLN A 426 -3.71 22.58 3.84
C GLN A 426 -3.05 21.60 2.87
N VAL A 427 -1.74 21.73 2.70
CA VAL A 427 -1.00 20.80 1.85
C VAL A 427 -0.85 19.45 2.55
N THR A 428 -0.65 19.47 3.86
CA THR A 428 -0.44 18.25 4.64
C THR A 428 -1.33 18.31 5.88
N PRO A 429 -2.27 17.37 6.03
CA PRO A 429 -3.14 17.39 7.20
C PRO A 429 -2.46 16.80 8.42
N PRO A 430 -2.83 17.24 9.62
CA PRO A 430 -2.21 16.69 10.84
C PRO A 430 -2.82 15.34 11.20
N GLY A 431 -1.95 14.37 11.47
CA GLY A 431 -2.39 13.04 11.84
C GLY A 431 -1.24 12.05 11.76
N PHE A 432 -1.59 10.82 11.39
CA PHE A 432 -0.63 9.73 11.25
C PHE A 432 -0.74 9.11 9.87
N GLN A 433 0.41 8.84 9.26
CA GLN A 433 0.47 8.17 7.96
C GLN A 433 0.55 6.67 8.19
N LEU A 434 -0.52 5.96 7.85
CA LEU A 434 -0.57 4.50 8.02
C LEU A 434 0.24 3.87 6.89
N VAL A 435 1.47 3.46 7.22
CA VAL A 435 2.38 2.85 6.26
C VAL A 435 2.34 1.34 6.44
N PHE A 436 2.01 0.63 5.37
CA PHE A 436 1.97 -0.83 5.41
C PHE A 436 3.38 -1.41 5.38
N LEU A 437 3.65 -2.36 6.28
CA LEU A 437 4.95 -3.00 6.36
C LEU A 437 4.86 -4.42 5.79
N PRO A 438 5.79 -4.81 4.93
CA PRO A 438 5.73 -6.15 4.33
C PRO A 438 6.25 -7.21 5.28
N PHE A 439 5.72 -8.43 5.11
CA PHE A 439 6.24 -9.58 5.82
C PHE A 439 7.49 -10.10 5.13
N ALA A 440 8.03 -11.21 5.63
CA ALA A 440 9.22 -11.80 5.02
C ALA A 440 8.88 -12.43 3.67
N ASP A 441 7.62 -12.84 3.46
CA ASP A 441 7.23 -13.42 2.18
C ASP A 441 7.19 -12.37 1.09
N ASP A 442 6.79 -11.14 1.43
CA ASP A 442 6.64 -10.08 0.45
C ASP A 442 7.98 -9.58 -0.09
N LYS A 443 9.09 -9.97 0.52
CA LYS A 443 10.41 -9.60 0.05
C LYS A 443 10.91 -10.60 -0.97
N ARG A 444 11.50 -10.08 -2.06
CA ARG A 444 12.03 -10.92 -3.12
C ARG A 444 13.47 -10.50 -3.39
N LYS A 445 14.37 -11.49 -3.50
CA LYS A 445 15.78 -11.23 -3.70
C LYS A 445 16.19 -11.43 -5.15
N MET A 446 17.19 -10.68 -5.57
CA MET A 446 17.74 -10.71 -6.91
C MET A 446 19.22 -11.08 -6.87
N PRO A 447 19.76 -11.63 -7.96
CA PRO A 447 21.18 -12.00 -7.95
C PRO A 447 22.08 -10.78 -7.79
N PHE A 448 23.25 -11.01 -7.20
CA PHE A 448 24.18 -9.95 -6.88
C PHE A 448 25.23 -9.81 -7.98
N THR A 449 25.63 -8.57 -8.24
CA THR A 449 26.70 -8.28 -9.20
C THR A 449 28.01 -8.09 -8.46
N GLU A 450 29.09 -7.95 -9.23
CA GLU A 450 30.41 -7.69 -8.69
C GLU A 450 30.66 -6.20 -8.44
N LYS A 451 29.60 -5.41 -8.33
CA LYS A 451 29.63 -3.98 -8.06
C LYS A 451 30.69 -3.24 -8.87
N ILE A 452 30.32 -2.73 -10.03
CA ILE A 452 31.19 -1.93 -10.88
C ILE A 452 30.90 -0.47 -10.61
N MET A 453 31.89 0.25 -10.10
CA MET A 453 31.74 1.66 -9.75
C MET A 453 32.38 2.54 -10.81
N ALA A 454 31.90 3.78 -10.90
CA ALA A 454 32.39 4.74 -11.87
C ALA A 454 33.46 5.63 -11.26
N THR A 455 34.28 6.21 -12.14
CA THR A 455 35.34 7.11 -11.72
C THR A 455 34.77 8.49 -11.40
N PRO A 456 35.49 9.29 -10.63
CA PRO A 456 35.01 10.66 -10.36
C PRO A 456 34.88 11.52 -11.61
N GLU A 457 35.64 11.22 -12.66
CA GLU A 457 35.49 11.96 -13.90
C GLU A 457 34.17 11.62 -14.60
N GLN A 458 33.70 10.38 -14.47
CA GLN A 458 32.43 9.99 -15.06
C GLN A 458 31.25 10.47 -14.21
N VAL A 459 31.39 10.41 -12.89
CA VAL A 459 30.34 10.90 -12.01
C VAL A 459 30.17 12.41 -12.17
N GLY A 460 31.28 13.12 -12.38
CA GLY A 460 31.20 14.56 -12.58
C GLY A 460 30.46 14.95 -13.83
N LYS A 461 30.59 14.16 -14.90
CA LYS A 461 29.88 14.47 -16.14
C LYS A 461 28.38 14.19 -15.98
N MET A 462 28.03 13.15 -15.24
CA MET A 462 26.61 12.89 -14.97
C MET A 462 26.03 13.93 -14.04
N LYS A 463 26.83 14.47 -13.11
CA LYS A 463 26.36 15.54 -12.24
C LYS A 463 25.94 16.76 -13.06
N ALA A 464 26.74 17.11 -14.08
CA ALA A 464 26.37 18.24 -14.93
C ALA A 464 25.13 17.93 -15.76
N ILE A 465 24.92 16.66 -16.13
CA ILE A 465 23.72 16.29 -16.86
C ILE A 465 22.50 16.35 -15.95
N VAL A 466 22.65 15.90 -14.69
CA VAL A 466 21.54 15.94 -13.74
C VAL A 466 21.17 17.39 -13.43
N GLU A 467 22.17 18.27 -13.29
CA GLU A 467 21.87 19.66 -12.96
C GLU A 467 21.22 20.39 -14.13
N LYS A 468 21.46 19.93 -15.35
CA LYS A 468 20.85 20.59 -16.52
C LYS A 468 19.36 20.27 -16.63
N LEU A 469 18.97 19.05 -16.28
CA LEU A 469 17.58 18.61 -16.37
C LEU A 469 16.87 18.68 -15.02
N ARG A 470 17.19 19.70 -14.22
CA ARG A 470 16.60 19.85 -12.90
C ARG A 470 15.30 20.62 -12.99
N PHE A 471 14.30 20.17 -12.24
CA PHE A 471 13.00 20.81 -12.23
C PHE A 471 12.37 20.64 -10.86
N THR A 472 11.29 21.39 -10.62
CA THR A 472 10.55 21.35 -9.37
C THR A 472 9.38 20.38 -9.52
N TYR A 473 9.41 19.28 -8.77
CA TYR A 473 8.37 18.27 -8.84
C TYR A 473 7.20 18.62 -7.93
N ARG A 474 5.99 18.39 -8.43
CA ARG A 474 4.77 18.57 -7.66
C ARG A 474 3.86 17.38 -7.91
N SER A 475 3.18 16.93 -6.85
CA SER A 475 2.40 15.70 -6.91
C SER A 475 1.21 15.78 -7.86
N ASP A 476 0.83 16.98 -8.30
CA ASP A 476 -0.30 17.15 -9.22
C ASP A 476 0.15 17.69 -10.58
N SER A 477 1.37 17.35 -10.98
CA SER A 477 1.93 17.87 -12.24
C SER A 477 1.60 17.02 -13.44
N PHE A 478 1.27 15.74 -13.25
CA PHE A 478 1.06 14.82 -14.36
C PHE A 478 -0.39 14.33 -14.39
N GLU A 479 -0.97 14.30 -15.57
CA GLU A 479 -2.31 13.76 -15.79
C GLU A 479 -2.21 12.39 -16.45
N ASN A 480 -3.23 11.57 -16.24
CA ASN A 480 -3.25 10.23 -16.79
C ASN A 480 -3.63 10.30 -18.28
N PRO A 481 -2.73 9.91 -19.18
CA PRO A 481 -3.08 9.98 -20.61
C PRO A 481 -4.20 9.04 -21.01
N VAL A 482 -4.37 7.91 -20.30
CA VAL A 482 -5.43 6.98 -20.63
C VAL A 482 -6.79 7.53 -20.20
N LEU A 483 -6.84 8.13 -19.00
CA LEU A 483 -8.10 8.68 -18.51
C LEU A 483 -8.51 9.92 -19.30
N GLN A 484 -7.55 10.79 -19.61
CA GLN A 484 -7.87 12.00 -20.37
C GLN A 484 -8.42 11.65 -21.74
N GLN A 485 -7.74 10.75 -22.47
CA GLN A 485 -8.18 10.39 -23.80
C GLN A 485 -9.52 9.64 -23.78
N HIS A 486 -9.79 8.88 -22.72
CA HIS A 486 -11.04 8.14 -22.63
C HIS A 486 -12.24 9.08 -22.56
N PHE A 487 -12.13 10.15 -21.79
CA PHE A 487 -13.23 11.09 -21.66
C PHE A 487 -13.27 12.11 -22.79
N ARG A 488 -12.15 12.36 -23.46
CA ARG A 488 -12.19 13.16 -24.69
C ARG A 488 -12.97 12.43 -25.78
N ASN A 489 -12.90 11.10 -25.80
CA ASN A 489 -13.67 10.33 -26.78
C ASN A 489 -15.16 10.35 -26.44
N LEU A 490 -15.50 10.32 -25.15
CA LEU A 490 -16.90 10.37 -24.75
C LEU A 490 -17.52 11.73 -25.04
N GLU A 491 -16.72 12.80 -24.98
CA GLU A 491 -17.24 14.12 -25.28
C GLU A 491 -17.58 14.27 -26.76
N ALA A 492 -16.76 13.68 -27.64
CA ALA A 492 -17.02 13.78 -29.07
C ALA A 492 -18.24 12.95 -29.47
N LEU A 493 -18.52 11.87 -28.75
CA LEU A 493 -19.69 11.06 -29.06
C LEU A 493 -20.97 11.61 -28.43
N ALA A 494 -20.86 12.22 -27.25
CA ALA A 494 -22.04 12.76 -26.57
C ALA A 494 -22.50 14.08 -27.18
N LEU A 495 -21.57 14.89 -27.68
CA LEU A 495 -21.91 16.17 -28.27
C LEU A 495 -22.02 16.12 -29.79
N ASP A 496 -21.38 15.15 -30.43
CA ASP A 496 -21.51 14.93 -31.88
C ASP A 496 -21.05 16.14 -32.69
N LEU A 497 -20.08 16.89 -32.18
CA LEU A 497 -19.57 18.06 -32.87
C LEU A 497 -18.37 17.72 -33.74
N MET A 498 -17.17 18.01 -33.24
CA MET A 498 -15.95 17.75 -33.99
C MET A 498 -15.42 16.35 -33.70
N GLU A 499 -14.46 15.94 -34.53
CA GLU A 499 -13.87 14.61 -34.40
C GLU A 499 -13.00 14.54 -33.14
N PRO A 500 -12.81 13.34 -32.60
CA PRO A 500 -11.98 13.19 -31.38
C PRO A 500 -10.53 13.53 -31.66
N GLU A 501 -10.02 14.53 -30.96
CA GLU A 501 -8.62 14.92 -31.10
C GLU A 501 -7.75 14.05 -30.20
N GLN A 502 -6.46 14.00 -30.54
CA GLN A 502 -5.50 13.21 -29.78
C GLN A 502 -4.88 14.05 -28.67
N ALA A 503 -4.91 13.53 -27.45
CA ALA A 503 -4.38 14.25 -26.30
C ALA A 503 -2.86 14.26 -26.32
N VAL A 504 -2.29 15.33 -25.76
CA VAL A 504 -0.85 15.47 -25.66
C VAL A 504 -0.36 14.70 -24.44
N ASP A 505 0.40 13.63 -24.66
CA ASP A 505 0.91 12.80 -23.58
C ASP A 505 1.93 13.61 -22.79
N LEU A 506 1.52 14.09 -21.62
CA LEU A 506 2.40 14.86 -20.75
C LEU A 506 3.40 13.99 -20.01
N THR A 507 3.34 12.67 -20.17
CA THR A 507 4.31 11.77 -19.56
C THR A 507 5.50 11.49 -20.47
N LEU A 508 5.42 11.87 -21.74
CA LEU A 508 6.54 11.68 -22.66
C LEU A 508 7.58 12.77 -22.44
N PRO A 509 8.87 12.44 -22.50
CA PRO A 509 9.91 13.45 -22.30
C PRO A 509 9.98 14.42 -23.46
N LYS A 510 10.19 15.71 -23.14
CA LYS A 510 10.42 16.74 -24.14
C LYS A 510 11.82 16.51 -24.73
N VAL A 511 11.86 15.61 -25.71
CA VAL A 511 13.15 15.10 -26.21
C VAL A 511 13.97 16.23 -26.83
N GLU A 512 13.39 16.97 -27.77
CA GLU A 512 14.15 18.00 -28.46
C GLU A 512 14.59 19.11 -27.52
N ALA A 513 13.80 19.42 -26.50
CA ALA A 513 14.18 20.44 -25.55
C ALA A 513 15.34 19.97 -24.66
N MET A 514 15.33 18.69 -24.28
CA MET A 514 16.38 18.17 -23.42
C MET A 514 17.70 18.02 -24.15
N ASN A 515 17.66 17.69 -25.44
CA ASN A 515 18.91 17.57 -26.21
C ASN A 515 19.60 18.91 -26.34
N LYS A 516 18.85 19.96 -26.68
CA LYS A 516 19.42 21.30 -26.72
C LYS A 516 19.83 21.77 -25.33
N ARG A 517 19.12 21.32 -24.29
CA ARG A 517 19.44 21.71 -22.93
C ARG A 517 20.74 21.08 -22.44
N LEU A 518 21.01 19.84 -22.86
CA LEU A 518 22.25 19.17 -22.51
C LEU A 518 23.42 19.57 -23.40
N GLY A 519 23.17 19.82 -24.68
CA GLY A 519 24.26 20.25 -25.57
C GLY A 519 25.22 19.11 -25.84
N SER A 520 26.50 19.36 -25.61
CA SER A 520 27.54 18.36 -25.82
C SER A 520 27.76 17.46 -24.61
N LEU A 521 26.98 17.63 -23.56
CA LEU A 521 27.10 16.78 -22.38
C LEU A 521 26.74 15.33 -22.66
N VAL A 522 26.10 15.03 -23.78
CA VAL A 522 25.76 13.66 -24.15
C VAL A 522 26.91 13.00 -24.92
N ASP A 523 27.57 13.75 -25.80
CA ASP A 523 28.78 13.23 -26.43
C ASP A 523 29.90 13.07 -25.41
N GLU A 524 30.05 14.04 -24.51
CA GLU A 524 30.83 13.81 -23.30
C GLU A 524 30.13 12.74 -22.46
N PHE A 525 30.89 12.15 -21.54
CA PHE A 525 30.44 11.02 -20.73
C PHE A 525 30.35 9.75 -21.58
N LYS A 526 29.95 9.89 -22.84
CA LYS A 526 30.00 8.76 -23.77
C LYS A 526 31.43 8.34 -24.04
N GLU A 527 32.31 9.31 -24.34
CA GLU A 527 33.72 9.01 -24.53
C GLU A 527 34.38 8.50 -23.25
N LEU A 528 33.80 8.80 -22.09
CA LEU A 528 34.35 8.36 -20.81
C LEU A 528 33.86 6.99 -20.39
N VAL A 529 32.79 6.48 -21.01
CA VAL A 529 32.19 5.22 -20.57
C VAL A 529 32.17 4.21 -21.72
N TYR A 530 31.44 4.55 -22.78
CA TYR A 530 31.22 3.60 -23.87
C TYR A 530 32.42 3.56 -24.80
N PRO A 531 33.06 2.41 -25.00
CA PRO A 531 34.12 2.32 -26.00
C PRO A 531 33.54 2.40 -27.40
N PRO A 532 34.35 2.75 -28.41
CA PRO A 532 33.85 2.74 -29.79
C PRO A 532 33.49 1.36 -30.29
N ASP A 533 33.88 0.30 -29.60
CA ASP A 533 33.53 -1.07 -29.97
C ASP A 533 32.41 -1.58 -29.07
N TYR A 534 31.29 -0.86 -29.09
CA TYR A 534 30.14 -1.19 -28.24
C TYR A 534 28.89 -1.43 -29.07
N ASN B 6 14.32 -22.78 -9.31
CA ASN B 6 14.54 -24.08 -9.94
C ASN B 6 14.39 -25.21 -8.94
N LYS B 7 14.53 -26.44 -9.43
CA LYS B 7 14.36 -27.62 -8.60
C LYS B 7 15.55 -27.80 -7.66
N ALA B 8 15.30 -28.39 -6.50
CA ALA B 8 16.34 -28.60 -5.52
C ALA B 8 16.07 -29.89 -4.75
N ALA B 9 17.14 -30.48 -4.22
CA ALA B 9 17.06 -31.70 -3.42
C ALA B 9 17.51 -31.37 -2.00
N VAL B 10 16.67 -31.70 -1.02
CA VAL B 10 16.91 -31.36 0.37
C VAL B 10 16.83 -32.62 1.21
N VAL B 11 17.76 -32.75 2.16
CA VAL B 11 17.79 -33.85 3.11
C VAL B 11 17.73 -33.27 4.51
N LEU B 12 16.68 -33.62 5.25
CA LEU B 12 16.47 -33.12 6.61
C LEU B 12 17.07 -34.13 7.58
N CYS B 13 18.13 -33.72 8.29
CA CYS B 13 18.83 -34.60 9.22
C CYS B 13 18.44 -34.18 10.63
N MET B 14 17.53 -34.94 11.24
CA MET B 14 16.97 -34.61 12.54
C MET B 14 17.56 -35.49 13.63
N ASP B 15 17.81 -34.89 14.79
CA ASP B 15 18.28 -35.62 15.95
C ASP B 15 17.07 -36.04 16.78
N VAL B 16 16.91 -37.34 17.00
CA VAL B 16 15.86 -37.87 17.84
C VAL B 16 16.43 -38.60 19.05
N GLY B 17 17.66 -38.29 19.44
CA GLY B 17 18.33 -38.94 20.54
C GLY B 17 17.66 -38.71 21.88
N PHE B 18 18.20 -39.32 22.94
CA PHE B 18 17.59 -39.20 24.25
C PHE B 18 17.70 -37.78 24.79
N THR B 19 18.82 -37.10 24.54
CA THR B 19 19.01 -35.76 25.05
C THR B 19 18.08 -34.75 24.39
N MET B 20 17.52 -35.06 23.22
CA MET B 20 16.57 -34.17 22.57
C MET B 20 15.25 -34.06 23.31
N SER B 21 14.98 -34.95 24.26
CA SER B 21 13.77 -34.91 25.07
C SER B 21 13.99 -34.25 26.43
N ASN B 22 15.21 -33.84 26.73
CA ASN B 22 15.54 -33.19 28.00
C ASN B 22 15.69 -31.69 27.74
N SER B 23 14.82 -30.88 28.32
CA SER B 23 14.79 -29.45 28.08
C SER B 23 14.76 -28.70 29.40
N ILE B 24 14.69 -27.37 29.30
CA ILE B 24 14.61 -26.48 30.45
C ILE B 24 13.14 -26.24 30.77
N PRO B 25 12.75 -26.18 32.04
CA PRO B 25 11.34 -26.01 32.36
C PRO B 25 10.78 -24.70 31.82
N GLY B 26 9.69 -24.79 31.08
CA GLY B 26 9.07 -23.63 30.46
C GLY B 26 9.06 -23.71 28.95
N ILE B 27 10.22 -24.01 28.37
CA ILE B 27 10.36 -24.14 26.92
C ILE B 27 10.22 -25.61 26.54
N GLU B 28 9.77 -25.85 25.32
CA GLU B 28 9.55 -27.20 24.85
C GLU B 28 10.89 -27.92 24.64
N SER B 29 10.81 -29.23 24.43
CA SER B 29 12.00 -30.01 24.20
C SER B 29 12.56 -29.73 22.81
N PRO B 30 13.89 -29.84 22.64
CA PRO B 30 14.46 -29.68 21.29
C PRO B 30 13.90 -30.67 20.28
N PHE B 31 13.40 -31.82 20.74
CA PHE B 31 12.72 -32.74 19.83
C PHE B 31 11.41 -32.15 19.33
N GLU B 32 10.63 -31.54 20.22
CA GLU B 32 9.37 -30.94 19.82
C GLU B 32 9.59 -29.65 19.03
N GLN B 33 10.66 -28.92 19.33
CA GLN B 33 10.95 -27.70 18.59
C GLN B 33 11.37 -28.01 17.16
N ALA B 34 12.30 -28.96 16.99
CA ALA B 34 12.73 -29.34 15.66
C ALA B 34 11.62 -30.06 14.88
N LYS B 35 10.68 -30.68 15.60
CA LYS B 35 9.57 -31.35 14.93
C LYS B 35 8.60 -30.35 14.31
N LYS B 36 8.51 -29.14 14.89
CA LYS B 36 7.67 -28.11 14.30
C LYS B 36 8.38 -27.33 13.21
N VAL B 37 9.70 -27.23 13.28
CA VAL B 37 10.45 -26.58 12.21
C VAL B 37 10.45 -27.45 10.96
N ILE B 38 10.58 -28.77 11.13
CA ILE B 38 10.50 -29.68 9.99
C ILE B 38 9.08 -29.71 9.43
N THR B 39 8.07 -29.65 10.31
CA THR B 39 6.70 -29.62 9.85
C THR B 39 6.41 -28.34 9.05
N MET B 40 6.91 -27.20 9.52
CA MET B 40 6.75 -25.95 8.79
C MET B 40 7.38 -26.05 7.40
N PHE B 41 8.53 -26.71 7.30
CA PHE B 41 9.22 -26.81 6.02
C PHE B 41 8.46 -27.72 5.05
N VAL B 42 8.10 -28.92 5.49
CA VAL B 42 7.43 -29.86 4.61
C VAL B 42 6.03 -29.39 4.27
N GLN B 43 5.39 -28.63 5.16
CA GLN B 43 4.04 -28.13 4.87
C GLN B 43 4.04 -27.18 3.68
N ARG B 44 4.96 -26.20 3.69
CA ARG B 44 5.04 -25.27 2.56
C ARG B 44 5.44 -25.98 1.28
N GLN B 45 6.30 -27.01 1.38
CA GLN B 45 6.71 -27.73 0.17
C GLN B 45 5.58 -28.58 -0.39
N VAL B 46 4.64 -29.02 0.45
CA VAL B 46 3.56 -29.87 -0.03
C VAL B 46 2.42 -29.02 -0.60
N PHE B 47 1.99 -28.00 0.15
CA PHE B 47 0.82 -27.24 -0.26
C PHE B 47 1.13 -26.20 -1.34
N ALA B 48 2.40 -25.87 -1.55
CA ALA B 48 2.77 -25.08 -2.72
C ALA B 48 3.01 -25.95 -3.95
N GLU B 49 3.08 -27.27 -3.77
CA GLU B 49 3.21 -28.24 -4.87
C GLU B 49 4.43 -27.95 -5.73
N ASN B 50 5.58 -27.84 -5.07
CA ASN B 50 6.85 -27.66 -5.77
C ASN B 50 7.34 -29.00 -6.31
N LYS B 51 8.41 -28.93 -7.10
CA LYS B 51 9.09 -30.10 -7.61
C LYS B 51 10.29 -30.49 -6.76
N ASP B 52 10.50 -29.82 -5.64
CA ASP B 52 11.62 -30.14 -4.76
C ASP B 52 11.43 -31.52 -4.12
N GLU B 53 12.50 -32.28 -4.05
CA GLU B 53 12.49 -33.60 -3.45
C GLU B 53 13.13 -33.54 -2.06
N ILE B 54 12.51 -34.25 -1.11
CA ILE B 54 12.88 -34.15 0.30
C ILE B 54 13.13 -35.55 0.84
N ALA B 55 14.26 -35.72 1.54
CA ALA B 55 14.57 -36.93 2.26
C ALA B 55 14.72 -36.62 3.74
N LEU B 56 14.48 -37.61 4.59
CA LEU B 56 14.53 -37.43 6.04
C LEU B 56 15.43 -38.49 6.65
N VAL B 57 16.47 -38.05 7.34
CA VAL B 57 17.40 -38.93 8.05
C VAL B 57 17.29 -38.65 9.53
N LEU B 58 17.12 -39.71 10.32
CA LEU B 58 17.00 -39.61 11.77
C LEU B 58 18.19 -40.32 12.41
N PHE B 59 18.84 -39.65 13.35
CA PHE B 59 19.92 -40.27 14.11
C PHE B 59 19.66 -40.11 15.60
N GLY B 60 19.98 -41.16 16.35
CA GLY B 60 19.57 -41.28 17.73
C GLY B 60 18.44 -42.26 17.96
N THR B 61 18.05 -43.03 16.95
CA THR B 61 16.96 -43.97 17.06
C THR B 61 17.41 -45.22 17.81
N ASP B 62 16.43 -46.07 18.13
CA ASP B 62 16.73 -47.35 18.78
C ASP B 62 17.29 -48.36 17.78
N GLY B 63 16.75 -48.36 16.56
CA GLY B 63 17.19 -49.28 15.52
C GLY B 63 18.23 -48.66 14.62
N THR B 64 18.55 -49.39 13.54
CA THR B 64 19.55 -48.96 12.59
C THR B 64 19.12 -49.39 11.20
N ASP B 65 18.97 -48.43 10.29
CA ASP B 65 18.52 -48.72 8.92
C ASP B 65 19.08 -47.62 8.01
N ASN B 66 20.27 -47.89 7.46
CA ASN B 66 20.91 -46.98 6.52
C ASN B 66 21.88 -47.78 5.67
N PRO B 67 22.17 -47.34 4.44
CA PRO B 67 23.04 -48.12 3.56
C PRO B 67 24.52 -48.01 3.90
N LEU B 68 24.83 -47.67 5.15
CA LEU B 68 26.22 -47.59 5.61
C LEU B 68 26.45 -48.42 6.87
N SER B 69 25.48 -49.23 7.28
CA SER B 69 25.57 -49.99 8.51
C SER B 69 26.47 -51.22 8.40
N GLY B 70 27.00 -51.51 7.22
CA GLY B 70 27.85 -52.67 7.04
C GLY B 70 29.09 -52.67 7.90
N GLY B 71 29.13 -53.56 8.88
CA GLY B 71 30.25 -53.67 9.79
C GLY B 71 30.08 -52.96 11.12
N ASP B 72 28.85 -52.87 11.64
CA ASP B 72 28.57 -52.19 12.91
C ASP B 72 29.06 -50.74 12.88
N GLN B 73 28.85 -50.08 11.74
CA GLN B 73 29.21 -48.68 11.55
C GLN B 73 27.94 -47.85 11.37
N TYR B 74 28.03 -46.57 11.73
CA TYR B 74 26.93 -45.62 11.56
C TYR B 74 25.64 -46.13 12.19
N GLN B 75 25.76 -46.62 13.42
CA GLN B 75 24.62 -47.20 14.11
C GLN B 75 23.68 -46.11 14.61
N ASN B 76 22.44 -46.51 14.89
CA ASN B 76 21.40 -45.62 15.40
C ASN B 76 21.09 -44.49 14.43
N ILE B 77 21.26 -44.73 13.13
CA ILE B 77 20.94 -43.77 12.09
C ILE B 77 19.95 -44.42 11.13
N THR B 78 18.80 -43.79 10.96
CA THR B 78 17.71 -44.36 10.17
C THR B 78 17.31 -43.39 9.07
N VAL B 79 17.25 -43.89 7.83
CA VAL B 79 16.76 -43.11 6.69
C VAL B 79 15.26 -43.37 6.62
N HIS B 80 14.50 -42.51 7.30
CA HIS B 80 13.06 -42.71 7.37
C HIS B 80 12.38 -42.43 6.04
N ARG B 81 12.90 -41.47 5.27
CA ARG B 81 12.31 -41.07 4.00
C ARG B 81 13.41 -40.87 2.97
N HIS B 82 13.27 -41.50 1.82
CA HIS B 82 14.24 -41.36 0.74
C HIS B 82 13.87 -40.18 -0.15
N LEU B 83 14.80 -39.81 -1.03
CA LEU B 83 14.62 -38.65 -1.90
C LEU B 83 13.45 -38.82 -2.85
N MET B 84 12.36 -38.11 -2.58
CA MET B 84 11.18 -38.12 -3.42
C MET B 84 10.32 -36.91 -3.04
N LEU B 85 9.28 -36.69 -3.81
CA LEU B 85 8.37 -35.59 -3.54
C LEU B 85 7.66 -35.81 -2.21
N PRO B 86 7.57 -34.82 -1.35
CA PRO B 86 6.85 -35.00 -0.07
C PRO B 86 5.35 -35.13 -0.31
N ASP B 87 4.68 -35.76 0.65
CA ASP B 87 3.25 -36.02 0.54
C ASP B 87 2.64 -35.94 1.93
N PHE B 88 1.35 -36.27 2.03
CA PHE B 88 0.67 -36.28 3.30
C PHE B 88 1.11 -37.43 4.20
N ASP B 89 1.59 -38.53 3.61
CA ASP B 89 2.11 -39.63 4.42
C ASP B 89 3.38 -39.24 5.15
N LEU B 90 4.20 -38.36 4.56
CA LEU B 90 5.36 -37.85 5.26
C LEU B 90 4.97 -36.95 6.41
N LEU B 91 4.02 -36.04 6.17
CA LEU B 91 3.56 -35.12 7.21
C LEU B 91 2.88 -35.87 8.36
N GLU B 92 2.18 -36.97 8.04
CA GLU B 92 1.55 -37.75 9.10
C GLU B 92 2.59 -38.48 9.94
N ASP B 93 3.70 -38.90 9.33
CA ASP B 93 4.78 -39.52 10.11
C ASP B 93 5.44 -38.50 11.02
N ILE B 94 5.61 -37.27 10.55
CA ILE B 94 6.15 -36.21 11.39
C ILE B 94 5.20 -35.90 12.53
N GLU B 95 3.90 -36.04 12.30
CA GLU B 95 2.91 -35.61 13.29
C GLU B 95 2.60 -36.72 14.29
N SER B 96 2.71 -37.98 13.90
CA SER B 96 2.22 -39.07 14.73
C SER B 96 3.22 -40.21 14.89
N LYS B 97 3.78 -40.70 13.78
CA LYS B 97 4.56 -41.93 13.83
C LYS B 97 5.91 -41.72 14.52
N ILE B 98 6.66 -40.71 14.08
CA ILE B 98 8.04 -40.55 14.53
C ILE B 98 8.06 -40.24 16.02
N GLN B 99 8.70 -41.13 16.80
CA GLN B 99 8.84 -41.04 18.24
C GLN B 99 10.29 -40.80 18.64
N PRO B 100 10.53 -40.18 19.79
CA PRO B 100 11.92 -39.94 20.20
C PRO B 100 12.65 -41.23 20.54
N GLY B 101 13.94 -41.27 20.19
CA GLY B 101 14.76 -42.43 20.46
C GLY B 101 15.35 -42.41 21.87
N SER B 102 16.04 -43.50 22.20
CA SER B 102 16.67 -43.66 23.50
C SER B 102 18.19 -43.72 23.42
N GLN B 103 18.77 -43.64 22.23
CA GLN B 103 20.20 -43.75 22.03
C GLN B 103 20.78 -42.39 21.66
N GLN B 104 22.08 -42.38 21.36
CA GLN B 104 22.77 -41.18 20.89
C GLN B 104 23.66 -41.56 19.71
N ALA B 105 23.63 -40.75 18.66
CA ALA B 105 24.38 -41.03 17.45
C ALA B 105 25.31 -39.88 17.11
N ASP B 106 26.40 -40.21 16.42
CA ASP B 106 27.35 -39.21 15.96
C ASP B 106 26.69 -38.35 14.88
N PHE B 107 26.57 -37.04 15.15
CA PHE B 107 25.88 -36.17 14.21
C PHE B 107 26.68 -35.94 12.94
N LEU B 108 28.00 -36.12 12.97
CA LEU B 108 28.78 -36.09 11.75
C LEU B 108 28.61 -37.37 10.94
N ASP B 109 28.40 -38.50 11.60
CA ASP B 109 28.09 -39.73 10.88
C ASP B 109 26.75 -39.64 10.17
N ALA B 110 25.77 -38.99 10.81
CA ALA B 110 24.47 -38.79 10.18
C ALA B 110 24.57 -37.84 9.00
N LEU B 111 25.49 -36.87 9.05
CA LEU B 111 25.71 -35.99 7.91
C LEU B 111 26.32 -36.75 6.74
N ILE B 112 27.14 -37.76 7.02
CA ILE B 112 27.68 -38.59 5.95
C ILE B 112 26.59 -39.44 5.32
N VAL B 113 25.66 -39.95 6.13
CA VAL B 113 24.53 -40.68 5.58
C VAL B 113 23.63 -39.74 4.79
N SER B 114 23.48 -38.49 5.25
CA SER B 114 22.69 -37.52 4.51
C SER B 114 23.37 -37.17 3.18
N MET B 115 24.70 -37.06 3.19
CA MET B 115 25.42 -36.84 1.95
C MET B 115 25.33 -38.03 1.02
N ASP B 116 25.24 -39.25 1.58
CA ASP B 116 25.12 -40.44 0.75
C ASP B 116 23.79 -40.49 0.01
N VAL B 117 22.74 -39.91 0.59
CA VAL B 117 21.44 -39.87 -0.08
C VAL B 117 21.49 -38.96 -1.30
N ILE B 118 22.13 -37.79 -1.15
CA ILE B 118 22.22 -36.86 -2.28
C ILE B 118 23.11 -37.43 -3.38
N GLN B 119 24.19 -38.10 -2.99
CA GLN B 119 25.15 -38.58 -3.99
C GLN B 119 24.62 -39.77 -4.79
N HIS B 120 23.74 -40.56 -4.19
CA HIS B 120 23.27 -41.79 -4.83
C HIS B 120 21.85 -41.71 -5.39
N GLU B 121 21.08 -40.67 -5.05
CA GLU B 121 19.70 -40.60 -5.49
C GLU B 121 19.38 -39.42 -6.39
N THR B 122 20.23 -38.39 -6.41
CA THR B 122 20.15 -37.34 -7.42
C THR B 122 20.78 -37.75 -8.73
N ILE B 123 20.88 -39.06 -8.96
CA ILE B 123 21.77 -39.62 -9.98
C ILE B 123 21.48 -39.00 -11.33
N GLY B 124 20.26 -39.14 -11.83
CA GLY B 124 19.94 -38.66 -13.18
C GLY B 124 19.05 -37.44 -13.19
N LYS B 125 18.34 -37.20 -12.09
CA LYS B 125 17.41 -36.09 -12.02
C LYS B 125 18.15 -34.75 -12.06
N LYS B 126 17.47 -33.75 -12.60
CA LYS B 126 18.04 -32.40 -12.70
C LYS B 126 17.81 -31.67 -11.39
N PHE B 127 18.89 -31.34 -10.68
CA PHE B 127 18.82 -30.57 -9.44
C PHE B 127 19.83 -29.45 -9.53
N GLU B 128 19.33 -28.20 -9.49
CA GLU B 128 20.21 -27.05 -9.52
C GLU B 128 20.88 -26.79 -8.18
N LYS B 129 20.28 -27.25 -7.08
CA LYS B 129 20.82 -27.04 -5.74
C LYS B 129 20.65 -28.30 -4.92
N ARG B 130 21.64 -28.58 -4.06
CA ARG B 130 21.60 -29.68 -3.12
C ARG B 130 21.87 -29.15 -1.72
N HIS B 131 20.99 -29.47 -0.78
CA HIS B 131 21.02 -28.86 0.54
C HIS B 131 20.76 -29.90 1.61
N ILE B 132 21.40 -29.70 2.77
CA ILE B 132 21.23 -30.56 3.93
C ILE B 132 21.03 -29.68 5.15
N GLU B 133 19.97 -29.94 5.92
CA GLU B 133 19.66 -29.21 7.13
C GLU B 133 19.73 -30.15 8.32
N ILE B 134 20.48 -29.76 9.34
CA ILE B 134 20.73 -30.60 10.51
C ILE B 134 20.02 -29.97 11.71
N PHE B 135 19.24 -30.78 12.41
CA PHE B 135 18.51 -30.35 13.61
C PHE B 135 19.03 -31.19 14.78
N THR B 136 19.87 -30.58 15.61
CA THR B 136 20.47 -31.31 16.72
C THR B 136 20.71 -30.35 17.88
N ASP B 137 21.00 -30.93 19.05
CA ASP B 137 21.30 -30.15 20.24
C ASP B 137 22.78 -30.16 20.59
N LEU B 138 23.60 -30.91 19.84
CA LEU B 138 25.05 -30.96 20.04
C LEU B 138 25.41 -31.41 21.45
N SER B 139 24.57 -32.26 22.05
CA SER B 139 24.76 -32.68 23.43
C SER B 139 25.56 -33.97 23.56
N SER B 140 25.79 -34.69 22.46
CA SER B 140 26.47 -35.98 22.49
C SER B 140 27.88 -35.85 21.93
N ARG B 141 28.71 -36.83 22.26
CA ARG B 141 30.07 -36.88 21.74
C ARG B 141 30.07 -37.28 20.27
N PHE B 142 31.19 -37.00 19.60
CA PHE B 142 31.30 -37.28 18.17
C PHE B 142 32.77 -37.37 17.81
N SER B 143 33.04 -38.04 16.69
CA SER B 143 34.39 -38.19 16.17
C SER B 143 34.71 -37.08 15.20
N LYS B 144 35.95 -36.59 15.24
CA LYS B 144 36.39 -35.47 14.43
C LYS B 144 37.37 -35.89 13.34
N SER B 145 37.48 -37.19 13.07
CA SER B 145 38.39 -37.64 12.02
C SER B 145 37.80 -37.45 10.63
N GLN B 146 36.47 -37.45 10.51
CA GLN B 146 35.81 -37.29 9.22
C GLN B 146 35.59 -35.83 8.85
N LEU B 147 36.18 -34.89 9.61
CA LEU B 147 35.92 -33.47 9.38
C LEU B 147 36.41 -33.03 8.01
N ASP B 148 37.63 -33.43 7.65
CA ASP B 148 38.16 -33.06 6.34
C ASP B 148 37.54 -33.87 5.22
N ILE B 149 37.08 -35.09 5.50
CA ILE B 149 36.40 -35.89 4.49
C ILE B 149 35.03 -35.30 4.19
N ILE B 150 34.35 -34.77 5.22
CA ILE B 150 33.02 -34.21 5.01
C ILE B 150 33.09 -32.94 4.19
N ILE B 151 34.05 -32.06 4.49
CA ILE B 151 34.15 -30.79 3.78
C ILE B 151 34.56 -31.02 2.33
N HIS B 152 35.45 -31.98 2.09
CA HIS B 152 35.88 -32.26 0.73
C HIS B 152 34.74 -32.78 -0.14
N SER B 153 33.84 -33.57 0.45
CA SER B 153 32.71 -34.09 -0.30
C SER B 153 31.61 -33.05 -0.48
N LEU B 154 31.45 -32.14 0.49
CA LEU B 154 30.45 -31.09 0.35
C LEU B 154 30.84 -30.08 -0.72
N LYS B 155 32.14 -29.80 -0.89
CA LYS B 155 32.58 -28.84 -1.88
C LYS B 155 32.65 -29.44 -3.27
N LYS B 156 33.08 -30.70 -3.39
CA LYS B 156 33.15 -31.35 -4.69
C LYS B 156 31.74 -31.62 -5.24
N CYS B 157 30.78 -31.90 -4.38
CA CYS B 157 29.41 -32.12 -4.80
C CYS B 157 28.57 -30.85 -4.78
N ASP B 158 29.13 -29.74 -4.30
CA ASP B 158 28.42 -28.46 -4.21
C ASP B 158 27.12 -28.61 -3.44
N ILE B 159 27.27 -28.91 -2.15
CA ILE B 159 26.15 -29.12 -1.24
C ILE B 159 26.23 -28.07 -0.15
N SER B 160 25.19 -27.25 -0.04
CA SER B 160 25.11 -26.27 1.02
C SER B 160 24.69 -26.93 2.33
N LEU B 161 24.88 -26.21 3.43
CA LEU B 161 24.62 -26.76 4.75
C LEU B 161 24.01 -25.70 5.64
N GLN B 162 23.14 -26.15 6.55
CA GLN B 162 22.53 -25.28 7.54
C GLN B 162 22.37 -26.06 8.85
N PHE B 163 22.45 -25.33 9.96
CA PHE B 163 22.35 -25.92 11.29
C PHE B 163 21.23 -25.24 12.08
N PHE B 164 20.55 -26.03 12.90
CA PHE B 164 19.46 -25.53 13.73
C PHE B 164 19.60 -26.14 15.12
N LEU B 165 19.78 -25.28 16.12
CA LEU B 165 20.10 -25.70 17.47
C LEU B 165 19.01 -25.22 18.44
N PRO B 166 18.98 -25.73 19.68
CA PRO B 166 18.01 -25.19 20.65
C PRO B 166 18.32 -23.77 21.10
N PHE B 167 19.54 -23.31 20.93
CA PHE B 167 19.97 -22.01 21.45
C PHE B 167 20.52 -21.14 20.32
N SER B 168 20.54 -19.84 20.57
CA SER B 168 21.09 -18.89 19.62
C SER B 168 22.61 -18.85 19.73
N LEU B 169 23.24 -18.36 18.67
CA LEU B 169 24.70 -18.33 18.59
C LEU B 169 25.31 -17.14 19.32
N GLY B 170 24.54 -16.44 20.14
CA GLY B 170 25.07 -15.32 20.89
C GLY B 170 25.09 -15.56 22.39
N LYS B 171 24.22 -14.87 23.12
CA LYS B 171 24.10 -15.06 24.56
C LYS B 171 22.70 -14.71 24.99
N GLU B 172 22.35 -15.11 26.21
CA GLU B 172 21.03 -14.88 26.78
C GLU B 172 21.17 -14.10 28.08
N ASP B 173 20.33 -13.08 28.25
CA ASP B 173 20.35 -12.26 29.44
C ASP B 173 19.29 -12.66 30.46
N GLY B 174 18.19 -13.26 30.03
CA GLY B 174 17.14 -13.67 30.94
C GLY B 174 17.45 -14.98 31.65
N SER B 175 17.87 -14.88 32.91
CA SER B 175 18.21 -16.07 33.68
C SER B 175 16.95 -16.84 34.07
N GLY B 176 17.05 -18.16 34.06
CA GLY B 176 15.93 -19.02 34.42
C GLY B 176 15.62 -19.01 35.90
N GLY B 181 13.46 -16.78 33.72
CA GLY B 181 13.12 -15.79 32.70
C GLY B 181 11.99 -16.25 31.80
N PRO B 182 11.38 -15.30 31.08
CA PRO B 182 10.29 -15.66 30.15
C PRO B 182 10.84 -16.41 28.94
N PHE B 183 10.26 -17.58 28.67
CA PHE B 183 10.67 -18.40 27.53
C PHE B 183 9.42 -18.81 26.76
N ARG B 184 9.27 -18.27 25.55
CA ARG B 184 8.15 -18.60 24.68
C ARG B 184 8.70 -19.00 23.31
N LEU B 185 8.16 -20.08 22.76
CA LEU B 185 8.62 -20.58 21.47
C LEU B 185 8.25 -19.60 20.37
N GLY B 186 9.23 -19.19 19.57
CA GLY B 186 9.01 -18.24 18.52
C GLY B 186 8.89 -16.81 18.96
N GLY B 187 9.19 -16.51 20.22
CA GLY B 187 9.12 -15.14 20.71
C GLY B 187 10.34 -14.32 20.33
N HIS B 188 10.24 -13.02 20.62
CA HIS B 188 11.30 -12.07 20.31
C HIS B 188 12.08 -11.78 21.60
N GLY B 189 13.34 -12.18 21.62
CA GLY B 189 14.20 -11.94 22.75
C GLY B 189 14.81 -13.23 23.29
N PRO B 190 14.03 -14.00 24.03
CA PRO B 190 14.56 -15.23 24.63
C PRO B 190 14.64 -16.37 23.61
N SER B 191 15.70 -17.17 23.74
CA SER B 191 15.89 -18.33 22.88
C SER B 191 16.87 -19.30 23.54
N PHE B 192 16.45 -19.90 24.67
CA PHE B 192 17.20 -20.85 25.48
C PHE B 192 18.38 -20.15 26.15
N PRO B 193 18.56 -20.36 27.47
CA PRO B 193 19.65 -19.67 28.17
C PRO B 193 21.01 -20.22 27.76
N LEU B 194 21.93 -19.31 27.44
CA LEU B 194 23.30 -19.71 27.12
C LEU B 194 24.06 -20.22 28.33
N LYS B 195 23.52 -20.03 29.54
CA LYS B 195 24.10 -20.59 30.75
C LYS B 195 23.64 -22.02 31.02
N GLY B 196 22.59 -22.48 30.35
CA GLY B 196 22.09 -23.82 30.52
C GLY B 196 22.67 -24.85 29.58
N ILE B 197 23.68 -24.48 28.80
CA ILE B 197 24.32 -25.43 27.89
C ILE B 197 25.53 -26.04 28.58
N THR B 198 25.92 -27.23 28.14
CA THR B 198 27.02 -27.97 28.72
C THR B 198 28.32 -27.64 27.98
N GLU B 199 29.42 -28.22 28.46
CA GLU B 199 30.70 -28.08 27.77
C GLU B 199 30.80 -28.97 26.54
N GLN B 200 30.03 -30.05 26.50
CA GLN B 200 29.97 -30.86 25.27
C GLN B 200 29.27 -30.09 24.16
N GLN B 201 28.29 -29.26 24.49
CA GLN B 201 27.63 -28.44 23.48
C GLN B 201 28.53 -27.30 23.01
N LYS B 202 29.43 -26.83 23.87
CA LYS B 202 30.39 -25.82 23.45
C LYS B 202 31.42 -26.40 22.48
N GLU B 203 31.82 -27.65 22.70
CA GLU B 203 32.76 -28.30 21.79
C GLU B 203 32.11 -28.57 20.43
N GLY B 204 30.87 -29.07 20.44
CA GLY B 204 30.18 -29.34 19.19
C GLY B 204 29.83 -28.07 18.42
N LEU B 205 29.55 -26.99 19.14
CA LEU B 205 29.24 -25.73 18.47
C LEU B 205 30.46 -25.17 17.75
N GLU B 206 31.65 -25.34 18.33
CA GLU B 206 32.87 -24.89 17.66
C GLU B 206 33.12 -25.66 16.38
N ILE B 207 32.85 -26.97 16.38
CA ILE B 207 33.00 -27.76 15.17
C ILE B 207 31.99 -27.32 14.11
N VAL B 208 30.78 -26.95 14.55
CA VAL B 208 29.78 -26.43 13.62
C VAL B 208 30.26 -25.12 13.00
N LYS B 209 30.91 -24.28 13.79
CA LYS B 209 31.45 -23.03 13.25
C LYS B 209 32.53 -23.28 12.21
N MET B 210 33.47 -24.17 12.53
CA MET B 210 34.58 -24.44 11.60
C MET B 210 34.09 -25.06 10.30
N VAL B 211 33.04 -25.88 10.36
CA VAL B 211 32.50 -26.47 9.14
C VAL B 211 31.81 -25.40 8.29
N MET B 212 31.02 -24.53 8.93
CA MET B 212 30.31 -23.51 8.18
C MET B 212 31.26 -22.44 7.64
N ILE B 213 32.34 -22.16 8.36
CA ILE B 213 33.31 -21.18 7.87
C ILE B 213 34.07 -21.74 6.67
N SER B 214 34.32 -23.05 6.64
CA SER B 214 34.99 -23.64 5.49
C SER B 214 34.09 -23.63 4.26
N LEU B 215 32.80 -23.93 4.43
CA LEU B 215 31.90 -24.03 3.30
C LEU B 215 31.48 -22.67 2.78
N GLU B 216 31.10 -21.76 3.68
CA GLU B 216 30.54 -20.47 3.29
C GLU B 216 31.50 -19.30 3.48
N GLY B 217 32.36 -19.35 4.49
CA GLY B 217 33.26 -18.25 4.77
C GLY B 217 32.91 -17.53 6.06
N GLU B 218 33.09 -16.21 6.09
CA GLU B 218 32.72 -15.45 7.27
C GLU B 218 31.21 -15.43 7.47
N ASP B 219 30.44 -15.53 6.40
CA ASP B 219 28.99 -15.58 6.47
C ASP B 219 28.45 -16.95 6.85
N GLY B 220 29.33 -17.94 7.03
CA GLY B 220 28.90 -19.24 7.49
C GLY B 220 28.27 -19.23 8.87
N LEU B 221 28.63 -18.26 9.70
CA LEU B 221 28.01 -18.13 11.02
C LEU B 221 26.55 -17.71 10.94
N ASP B 222 26.16 -17.05 9.85
CA ASP B 222 24.77 -16.64 9.66
C ASP B 222 23.83 -17.81 9.40
N GLU B 223 24.36 -18.99 9.07
CA GLU B 223 23.53 -20.15 8.78
C GLU B 223 23.35 -21.05 10.00
N ILE B 224 23.59 -20.53 11.20
CA ILE B 224 23.38 -21.26 12.44
C ILE B 224 22.23 -20.59 13.17
N TYR B 225 21.09 -21.26 13.23
CA TYR B 225 19.87 -20.69 13.78
C TYR B 225 19.40 -21.49 14.99
N SER B 226 18.47 -20.91 15.73
CA SER B 226 17.78 -21.58 16.81
C SER B 226 16.42 -22.06 16.33
N PHE B 227 15.89 -23.10 17.00
CA PHE B 227 14.57 -23.60 16.65
C PHE B 227 13.51 -22.54 16.87
N SER B 228 13.68 -21.72 17.93
CA SER B 228 12.69 -20.70 18.24
C SER B 228 12.66 -19.60 17.18
N GLU B 229 13.84 -19.15 16.73
CA GLU B 229 13.88 -18.11 15.71
C GLU B 229 13.60 -18.64 14.31
N SER B 230 13.77 -19.94 14.09
CA SER B 230 13.47 -20.51 12.78
C SER B 230 11.98 -20.55 12.50
N LEU B 231 11.15 -20.58 13.55
CA LEU B 231 9.70 -20.62 13.36
C LEU B 231 9.12 -19.26 13.00
N ARG B 232 9.87 -18.18 13.19
CA ARG B 232 9.43 -16.83 12.81
C ARG B 232 10.31 -16.24 11.72
N LYS B 233 10.89 -17.10 10.87
CA LYS B 233 11.68 -16.66 9.75
C LYS B 233 11.46 -17.62 8.58
N LEU B 234 11.95 -17.22 7.41
CA LEU B 234 11.96 -18.07 6.23
C LEU B 234 13.36 -18.63 5.95
N CYS B 235 14.13 -18.90 7.00
CA CYS B 235 15.52 -19.33 6.82
C CYS B 235 15.62 -20.76 6.32
N VAL B 236 14.64 -21.60 6.62
CA VAL B 236 14.70 -22.99 6.19
C VAL B 236 14.50 -23.12 4.68
N PHE B 237 13.86 -22.13 4.04
CA PHE B 237 13.69 -22.13 2.60
C PHE B 237 14.73 -21.27 1.89
N LYS B 238 15.68 -20.68 2.63
CA LYS B 238 16.59 -19.69 2.06
C LYS B 238 17.41 -20.27 0.92
N LYS B 239 17.90 -21.50 1.07
CA LYS B 239 18.80 -22.08 0.10
C LYS B 239 18.10 -22.75 -1.08
N ILE B 240 16.77 -22.70 -1.14
CA ILE B 240 16.05 -23.39 -2.21
C ILE B 240 15.00 -22.47 -2.84
N GLU B 241 15.10 -21.17 -2.57
CA GLU B 241 14.16 -20.23 -3.18
C GLU B 241 14.42 -20.12 -4.67
N ARG B 242 13.34 -19.98 -5.44
CA ARG B 242 13.46 -19.86 -6.88
C ARG B 242 13.94 -18.46 -7.27
N HIS B 243 14.68 -18.40 -8.37
CA HIS B 243 15.31 -17.16 -8.79
C HIS B 243 14.30 -16.21 -9.42
N SER B 244 14.56 -14.92 -9.28
CA SER B 244 13.65 -13.89 -9.77
C SER B 244 13.86 -13.66 -11.27
N ILE B 245 12.79 -13.25 -11.93
CA ILE B 245 12.81 -12.97 -13.36
C ILE B 245 13.20 -11.52 -13.60
N HIS B 246 14.07 -11.29 -14.57
CA HIS B 246 14.53 -9.95 -14.90
C HIS B 246 13.67 -9.32 -15.99
N TRP B 247 13.76 -8.00 -16.09
CA TRP B 247 12.96 -7.22 -17.04
C TRP B 247 13.89 -6.35 -17.87
N PRO B 248 14.18 -6.75 -19.11
CA PRO B 248 15.14 -5.99 -19.93
C PRO B 248 14.51 -4.73 -20.52
N CYS B 249 15.23 -3.62 -20.40
CA CYS B 249 14.80 -2.35 -20.97
C CYS B 249 16.01 -1.43 -21.04
N ARG B 250 15.77 -0.20 -21.50
CA ARG B 250 16.83 0.80 -21.67
C ARG B 250 16.43 2.09 -20.98
N LEU B 251 17.31 2.58 -20.10
CA LEU B 251 17.10 3.87 -19.45
C LEU B 251 17.58 4.98 -20.38
N THR B 252 16.66 5.84 -20.77
CA THR B 252 16.94 6.88 -21.76
C THR B 252 16.91 8.25 -21.10
N ILE B 253 17.92 9.07 -21.41
CA ILE B 253 17.98 10.46 -21.00
C ILE B 253 17.99 11.28 -22.28
N GLY B 254 16.83 11.72 -22.72
CA GLY B 254 16.72 12.37 -24.02
C GLY B 254 16.51 11.35 -25.12
N SER B 255 17.20 11.52 -26.25
CA SER B 255 17.13 10.55 -27.35
C SER B 255 18.50 10.09 -27.80
N ASN B 256 19.58 10.63 -27.25
CA ASN B 256 20.94 10.28 -27.65
C ASN B 256 21.70 9.51 -26.57
N LEU B 257 21.12 9.34 -25.39
CA LEU B 257 21.77 8.64 -24.29
C LEU B 257 20.89 7.47 -23.87
N SER B 258 21.41 6.25 -24.01
CA SER B 258 20.71 5.04 -23.64
C SER B 258 21.58 4.18 -22.75
N ILE B 259 20.95 3.54 -21.75
CA ILE B 259 21.64 2.69 -20.80
C ILE B 259 20.84 1.40 -20.66
N ARG B 260 21.45 0.28 -21.02
CA ARG B 260 20.79 -1.01 -20.87
C ARG B 260 20.65 -1.36 -19.39
N ILE B 261 19.43 -1.70 -18.98
CA ILE B 261 19.12 -1.98 -17.58
C ILE B 261 18.31 -3.27 -17.49
N ALA B 262 18.22 -3.79 -16.27
CA ALA B 262 17.42 -4.97 -15.96
C ALA B 262 16.76 -4.77 -14.61
N ALA B 263 15.44 -4.88 -14.56
CA ALA B 263 14.67 -4.57 -13.37
C ALA B 263 14.15 -5.84 -12.71
N TYR B 264 14.09 -5.83 -11.39
CA TYR B 264 13.56 -6.92 -10.60
C TYR B 264 12.56 -6.36 -9.59
N LYS B 265 11.56 -7.17 -9.24
CA LYS B 265 10.55 -6.77 -8.26
C LYS B 265 11.07 -7.12 -6.86
N SER B 266 11.42 -6.10 -6.09
CA SER B 266 11.98 -6.34 -4.76
C SER B 266 10.88 -6.61 -3.73
N ILE B 267 9.80 -5.84 -3.76
CA ILE B 267 8.67 -6.03 -2.86
C ILE B 267 7.44 -6.38 -3.69
N LEU B 268 6.76 -7.46 -3.32
CA LEU B 268 5.55 -7.88 -4.01
C LEU B 268 4.77 -8.80 -3.08
N GLN B 269 3.54 -8.42 -2.75
CA GLN B 269 2.73 -9.20 -1.83
C GLN B 269 2.38 -10.56 -2.43
N GLU B 270 2.52 -11.61 -1.62
CA GLU B 270 2.33 -12.97 -2.08
C GLU B 270 0.87 -13.41 -2.02
N ARG B 271 0.31 -13.46 -0.80
CA ARG B 271 -1.04 -13.95 -0.55
C ARG B 271 -1.21 -15.40 -1.00
N VAL B 272 -2.44 -15.90 -0.95
CA VAL B 272 -2.69 -17.33 -1.15
C VAL B 272 -2.26 -17.75 -2.56
N LYS B 273 -1.93 -19.03 -2.69
CA LYS B 273 -1.51 -19.63 -3.95
C LYS B 273 -2.60 -20.42 -4.64
N LYS B 274 -3.37 -21.19 -3.87
CA LYS B 274 -4.43 -22.02 -4.42
C LYS B 274 -5.79 -21.36 -4.21
N THR B 275 -6.72 -21.67 -5.12
CA THR B 275 -8.05 -21.10 -5.10
C THR B 275 -9.07 -22.13 -4.60
N TRP B 276 -10.07 -21.66 -3.88
CA TRP B 276 -11.12 -22.53 -3.39
C TRP B 276 -12.18 -22.74 -4.47
N THR B 277 -12.42 -24.00 -4.82
CA THR B 277 -13.39 -24.35 -5.86
C THR B 277 -14.73 -24.68 -5.21
N VAL B 278 -15.77 -23.97 -5.62
CA VAL B 278 -17.11 -24.19 -5.09
C VAL B 278 -17.67 -25.47 -5.72
N VAL B 279 -17.96 -26.47 -4.88
CA VAL B 279 -18.42 -27.77 -5.35
C VAL B 279 -19.71 -28.13 -4.62
N ASP B 280 -20.41 -29.12 -5.17
CA ASP B 280 -21.66 -29.59 -4.56
C ASP B 280 -21.35 -30.30 -3.25
N ALA B 281 -22.27 -30.14 -2.28
CA ALA B 281 -22.05 -30.71 -0.95
C ALA B 281 -22.17 -32.23 -0.92
N LYS B 282 -22.76 -32.84 -1.95
CA LYS B 282 -22.93 -34.29 -2.00
C LYS B 282 -21.95 -34.97 -2.93
N THR B 283 -21.89 -34.53 -4.19
CA THR B 283 -20.98 -35.13 -5.15
C THR B 283 -19.54 -34.64 -4.99
N LEU B 284 -19.35 -33.49 -4.34
CA LEU B 284 -18.02 -32.89 -4.15
C LEU B 284 -17.32 -32.64 -5.49
N LYS B 285 -18.10 -32.34 -6.53
CA LYS B 285 -17.58 -32.08 -7.86
C LYS B 285 -17.93 -30.66 -8.30
N LYS B 286 -17.14 -30.14 -9.22
CA LYS B 286 -17.36 -28.78 -9.71
C LYS B 286 -18.40 -28.72 -10.82
N GLU B 287 -18.52 -29.78 -11.62
CA GLU B 287 -19.42 -29.76 -12.77
C GLU B 287 -20.89 -29.70 -12.36
N ASP B 288 -21.21 -30.08 -11.12
CA ASP B 288 -22.58 -30.02 -10.63
C ASP B 288 -23.04 -28.61 -10.30
N ILE B 289 -22.16 -27.61 -10.43
CA ILE B 289 -22.47 -26.22 -10.11
C ILE B 289 -22.43 -25.41 -11.39
N GLN B 290 -23.43 -24.55 -11.58
CA GLN B 290 -23.53 -23.72 -12.77
C GLN B 290 -24.14 -22.38 -12.40
N LYS B 291 -23.61 -21.32 -12.99
CA LYS B 291 -24.11 -19.96 -12.78
C LYS B 291 -24.61 -19.39 -14.10
N GLU B 292 -25.82 -18.85 -14.09
CA GLU B 292 -26.40 -18.19 -15.25
C GLU B 292 -26.77 -16.77 -14.87
N THR B 293 -26.24 -15.80 -15.62
CA THR B 293 -26.51 -14.39 -15.40
C THR B 293 -27.53 -13.91 -16.43
N VAL B 294 -28.64 -13.36 -15.95
CA VAL B 294 -29.74 -12.92 -16.80
C VAL B 294 -29.76 -11.40 -16.85
N TYR B 295 -30.24 -10.87 -17.98
CA TYR B 295 -30.31 -9.44 -18.21
C TYR B 295 -31.77 -9.02 -18.39
N CYS B 296 -32.13 -7.88 -17.79
CA CYS B 296 -33.50 -7.39 -17.86
C CYS B 296 -33.49 -5.87 -17.76
N LEU B 297 -34.56 -5.26 -18.24
CA LEU B 297 -34.70 -3.80 -18.19
C LEU B 297 -34.73 -3.33 -16.74
N ASN B 298 -33.79 -2.45 -16.40
CA ASN B 298 -33.67 -2.00 -15.01
C ASN B 298 -34.88 -1.21 -14.57
N ASP B 299 -35.39 -0.34 -15.44
CA ASP B 299 -36.54 0.50 -15.11
C ASP B 299 -37.82 -0.32 -15.24
N ASP B 300 -38.96 0.37 -15.27
CA ASP B 300 -40.29 -0.25 -15.13
C ASP B 300 -40.43 -1.49 -15.98
N ASP B 301 -41.11 -2.50 -15.42
CA ASP B 301 -41.42 -3.76 -16.08
C ASP B 301 -40.15 -4.55 -16.39
N GLU B 302 -39.82 -5.53 -15.54
CA GLU B 302 -38.63 -6.35 -15.72
C GLU B 302 -38.76 -7.26 -16.93
N THR B 303 -38.32 -6.78 -18.09
CA THR B 303 -38.38 -7.54 -19.33
C THR B 303 -36.99 -8.03 -19.70
N GLU B 304 -36.86 -9.35 -19.89
CA GLU B 304 -35.58 -9.94 -20.21
C GLU B 304 -35.07 -9.47 -21.58
N VAL B 305 -33.75 -9.45 -21.73
CA VAL B 305 -33.10 -9.03 -22.96
C VAL B 305 -32.13 -10.13 -23.40
N LEU B 306 -32.17 -10.47 -24.68
CA LEU B 306 -31.22 -11.44 -25.22
C LEU B 306 -29.89 -10.77 -25.53
N LYS B 307 -28.85 -11.60 -25.68
CA LYS B 307 -27.51 -11.07 -25.94
C LYS B 307 -27.41 -10.41 -27.30
N GLU B 308 -28.29 -10.75 -28.24
CA GLU B 308 -28.32 -10.12 -29.55
C GLU B 308 -28.98 -8.74 -29.54
N ASP B 309 -29.13 -8.12 -28.36
CA ASP B 309 -29.76 -6.81 -28.25
C ASP B 309 -29.06 -5.93 -27.21
N ILE B 310 -27.82 -6.24 -26.83
CA ILE B 310 -27.09 -5.51 -25.81
C ILE B 310 -25.83 -4.94 -26.42
N ILE B 311 -25.61 -3.64 -26.23
CA ILE B 311 -24.41 -2.97 -26.69
C ILE B 311 -23.65 -2.43 -25.48
N GLN B 312 -22.43 -1.97 -25.71
CA GLN B 312 -21.59 -1.42 -24.66
C GLN B 312 -21.70 0.09 -24.62
N GLY B 313 -21.72 0.66 -23.41
CA GLY B 313 -21.80 2.09 -23.25
C GLY B 313 -21.08 2.53 -21.99
N PHE B 314 -20.87 3.84 -21.90
CA PHE B 314 -20.23 4.47 -20.75
C PHE B 314 -21.07 5.67 -20.31
N ARG B 315 -20.86 6.08 -19.05
CA ARG B 315 -21.56 7.22 -18.49
C ARG B 315 -20.64 8.43 -18.48
N TYR B 316 -21.17 9.57 -18.94
CA TYR B 316 -20.48 10.86 -18.88
C TYR B 316 -21.35 11.79 -18.05
N GLY B 317 -21.23 11.67 -16.72
CA GLY B 317 -22.09 12.41 -15.83
C GLY B 317 -23.51 11.89 -15.87
N SER B 318 -24.44 12.69 -16.37
CA SER B 318 -25.82 12.25 -16.56
C SER B 318 -26.06 11.65 -17.94
N ASP B 319 -25.10 11.75 -18.84
CA ASP B 319 -25.25 11.25 -20.20
C ASP B 319 -24.85 9.78 -20.28
N ILE B 320 -25.52 9.05 -21.16
CA ILE B 320 -25.22 7.65 -21.44
C ILE B 320 -24.74 7.58 -22.88
N VAL B 321 -23.48 7.22 -23.07
CA VAL B 321 -22.81 7.27 -24.37
C VAL B 321 -22.55 5.83 -24.82
N PRO B 322 -23.22 5.35 -25.86
CA PRO B 322 -22.89 4.01 -26.40
C PRO B 322 -21.51 4.03 -27.04
N PHE B 323 -20.70 3.03 -26.72
CA PHE B 323 -19.31 2.97 -27.18
C PHE B 323 -18.92 1.50 -27.28
N SER B 324 -19.04 0.94 -28.48
CA SER B 324 -18.73 -0.48 -28.68
C SER B 324 -17.24 -0.73 -28.47
N LYS B 325 -16.91 -1.99 -28.19
CA LYS B 325 -15.51 -2.36 -27.99
C LYS B 325 -14.70 -2.24 -29.26
N VAL B 326 -15.33 -2.29 -30.44
CA VAL B 326 -14.60 -2.11 -31.69
C VAL B 326 -14.17 -0.66 -31.83
N ASP B 327 -15.11 0.28 -31.70
CA ASP B 327 -14.76 1.69 -31.75
C ASP B 327 -13.84 2.08 -30.60
N GLU B 328 -13.93 1.39 -29.47
CA GLU B 328 -13.06 1.66 -28.34
C GLU B 328 -11.60 1.30 -28.66
N GLU B 329 -11.39 0.29 -29.51
CA GLU B 329 -10.03 -0.15 -29.81
C GLU B 329 -9.28 0.84 -30.68
N GLN B 330 -9.99 1.57 -31.56
CA GLN B 330 -9.31 2.51 -32.45
C GLN B 330 -9.05 3.84 -31.75
N MET B 331 -10.06 4.40 -31.10
CA MET B 331 -9.93 5.67 -30.38
C MET B 331 -9.14 5.55 -29.08
N LYS B 332 -8.75 4.33 -28.71
CA LYS B 332 -8.02 4.12 -27.46
C LYS B 332 -6.66 4.81 -27.50
N TYR B 333 -6.24 5.31 -26.34
CA TYR B 333 -4.89 5.83 -26.21
C TYR B 333 -3.88 4.72 -26.49
N LYS B 334 -2.90 5.02 -27.34
CA LYS B 334 -1.90 4.05 -27.76
C LYS B 334 -0.52 4.63 -27.54
N SER B 335 0.32 3.88 -26.82
CA SER B 335 1.67 4.31 -26.50
C SER B 335 2.68 3.59 -27.40
N GLU B 336 3.91 4.12 -27.40
CA GLU B 336 4.98 3.47 -28.16
C GLU B 336 5.31 2.10 -27.59
N GLY B 337 5.36 1.99 -26.27
CA GLY B 337 5.54 0.69 -25.64
C GLY B 337 6.51 0.65 -24.48
N LYS B 338 7.35 -0.37 -24.45
CA LYS B 338 8.32 -0.56 -23.39
C LYS B 338 9.26 0.64 -23.30
N CYS B 339 9.38 1.22 -22.10
CA CYS B 339 10.21 2.39 -21.90
C CYS B 339 10.51 2.56 -20.41
N PHE B 340 11.51 3.40 -20.12
CA PHE B 340 11.98 3.78 -18.79
C PHE B 340 12.74 5.10 -18.97
N SER B 341 12.01 6.11 -19.45
CA SER B 341 12.56 7.38 -19.89
C SER B 341 12.55 8.39 -18.75
N VAL B 342 13.65 9.12 -18.61
CA VAL B 342 13.80 10.13 -17.57
C VAL B 342 13.11 11.42 -18.02
N LEU B 343 12.25 11.96 -17.17
CA LEU B 343 11.61 13.25 -17.42
C LEU B 343 12.37 14.41 -16.81
N GLY B 344 13.10 14.17 -15.72
CA GLY B 344 13.84 15.23 -15.06
C GLY B 344 14.32 14.75 -13.71
N PHE B 345 15.04 15.64 -13.03
CA PHE B 345 15.61 15.34 -11.72
C PHE B 345 15.19 16.42 -10.74
N CYS B 346 14.87 16.01 -9.52
CA CYS B 346 14.41 16.93 -8.49
C CYS B 346 14.96 16.50 -7.14
N LYS B 347 14.82 17.39 -6.16
CA LYS B 347 15.27 17.09 -4.80
C LYS B 347 14.47 15.92 -4.23
N SER B 348 15.15 15.09 -3.44
CA SER B 348 14.47 13.96 -2.80
C SER B 348 13.44 14.43 -1.77
N SER B 349 13.58 15.65 -1.25
CA SER B 349 12.60 16.16 -0.30
C SER B 349 11.26 16.48 -0.96
N GLN B 350 11.25 16.70 -2.28
CA GLN B 350 10.01 16.98 -2.98
C GLN B 350 9.19 15.72 -3.25
N VAL B 351 9.70 14.55 -2.90
CA VAL B 351 8.99 13.29 -3.10
C VAL B 351 8.82 12.65 -1.73
N GLN B 352 7.64 12.84 -1.13
CA GLN B 352 7.33 12.24 0.16
C GLN B 352 6.81 10.82 -0.05
N ARG B 353 7.09 9.95 0.91
CA ARG B 353 6.71 8.54 0.77
C ARG B 353 5.22 8.31 0.92
N ARG B 354 4.46 9.31 1.37
CA ARG B 354 3.01 9.17 1.43
C ARG B 354 2.36 9.30 0.07
N PHE B 355 3.13 9.63 -0.97
CA PHE B 355 2.63 9.71 -2.33
C PHE B 355 2.87 8.44 -3.14
N PHE B 356 3.57 7.45 -2.56
CA PHE B 356 3.90 6.25 -3.30
C PHE B 356 2.65 5.51 -3.75
N MET B 357 2.70 5.00 -4.98
CA MET B 357 1.56 4.32 -5.59
C MET B 357 2.00 2.96 -6.12
N GLY B 358 1.02 2.19 -6.58
CA GLY B 358 1.29 0.85 -7.09
C GLY B 358 1.23 -0.20 -6.01
N ASN B 359 1.57 -1.43 -6.43
CA ASN B 359 1.60 -2.59 -5.54
C ASN B 359 2.91 -3.33 -5.70
N GLN B 360 3.99 -2.61 -5.96
CA GLN B 360 5.28 -3.24 -6.20
C GLN B 360 6.38 -2.21 -5.99
N VAL B 361 7.61 -2.72 -5.88
CA VAL B 361 8.81 -1.90 -5.82
C VAL B 361 9.85 -2.54 -6.72
N LEU B 362 10.43 -1.76 -7.63
CA LEU B 362 11.34 -2.26 -8.65
C LEU B 362 12.76 -1.84 -8.33
N LYS B 363 13.68 -2.79 -8.35
CA LYS B 363 15.12 -2.52 -8.26
C LYS B 363 15.72 -2.62 -9.65
N VAL B 364 16.37 -1.54 -10.09
CA VAL B 364 16.88 -1.44 -11.45
C VAL B 364 18.40 -1.56 -11.41
N PHE B 365 18.91 -2.67 -11.93
CA PHE B 365 20.34 -2.87 -12.12
C PHE B 365 20.70 -2.66 -13.59
N ALA B 366 21.99 -2.67 -13.87
CA ALA B 366 22.44 -2.66 -15.25
C ALA B 366 22.25 -4.04 -15.87
N ALA B 367 22.26 -4.08 -17.20
CA ALA B 367 22.15 -5.36 -17.91
C ALA B 367 23.29 -6.28 -17.49
N ARG B 368 22.95 -7.55 -17.27
CA ARG B 368 23.94 -8.51 -16.79
C ARG B 368 25.08 -8.67 -17.80
N ASP B 369 26.29 -8.78 -17.27
CA ASP B 369 27.52 -8.96 -18.05
C ASP B 369 27.81 -7.78 -18.97
N ASP B 370 27.24 -6.62 -18.68
CA ASP B 370 27.50 -5.40 -19.44
C ASP B 370 28.22 -4.42 -18.52
N GLU B 371 29.54 -4.36 -18.65
CA GLU B 371 30.33 -3.45 -17.80
C GLU B 371 30.11 -2.00 -18.19
N ALA B 372 29.98 -1.71 -19.49
CA ALA B 372 29.77 -0.34 -19.93
C ALA B 372 28.45 0.21 -19.40
N ALA B 373 27.40 -0.60 -19.39
CA ALA B 373 26.14 -0.15 -18.81
C ALA B 373 26.21 -0.07 -17.29
N ALA B 374 27.07 -0.89 -16.67
CA ALA B 374 27.23 -0.81 -15.22
C ALA B 374 27.95 0.47 -14.81
N VAL B 375 28.93 0.90 -15.60
CA VAL B 375 29.62 2.14 -15.30
C VAL B 375 28.70 3.33 -15.54
N ALA B 376 27.88 3.27 -16.59
CA ALA B 376 26.98 4.38 -16.90
C ALA B 376 25.90 4.55 -15.83
N LEU B 377 25.33 3.43 -15.37
CA LEU B 377 24.31 3.52 -14.33
C LEU B 377 24.92 3.89 -12.98
N SER B 378 26.13 3.42 -12.70
CA SER B 378 26.80 3.78 -11.45
C SER B 378 27.10 5.27 -11.40
N SER B 379 27.29 5.91 -12.56
CA SER B 379 27.46 7.35 -12.59
C SER B 379 26.18 8.06 -12.22
N LEU B 380 25.04 7.53 -12.67
CA LEU B 380 23.75 8.15 -12.34
C LEU B 380 23.41 7.96 -10.86
N ILE B 381 23.73 6.79 -10.31
CA ILE B 381 23.39 6.50 -8.92
C ILE B 381 24.17 7.42 -7.98
N HIS B 382 25.49 7.53 -8.19
CA HIS B 382 26.30 8.34 -7.30
C HIS B 382 26.08 9.83 -7.52
N ALA B 383 25.71 10.23 -8.74
CA ALA B 383 25.42 11.64 -8.98
C ALA B 383 24.16 12.07 -8.25
N LEU B 384 23.12 11.23 -8.28
CA LEU B 384 21.90 11.54 -7.54
C LEU B 384 22.13 11.48 -6.04
N ASP B 385 23.00 10.58 -5.58
CA ASP B 385 23.27 10.47 -4.15
C ASP B 385 24.10 11.64 -3.66
N ASP B 386 25.12 12.04 -4.42
CA ASP B 386 25.96 13.16 -4.03
C ASP B 386 25.24 14.50 -4.15
N LEU B 387 24.14 14.55 -4.89
CA LEU B 387 23.35 15.76 -5.02
C LEU B 387 22.07 15.72 -4.20
N ASP B 388 21.78 14.60 -3.53
CA ASP B 388 20.55 14.41 -2.77
C ASP B 388 19.32 14.68 -3.65
N MET B 389 19.31 14.03 -4.81
CA MET B 389 18.25 14.20 -5.79
C MET B 389 17.77 12.85 -6.29
N VAL B 390 16.60 12.87 -6.92
CA VAL B 390 15.97 11.66 -7.46
C VAL B 390 15.59 11.93 -8.92
N ALA B 391 15.12 10.89 -9.59
CA ALA B 391 14.75 10.95 -11.00
C ALA B 391 13.27 10.66 -11.16
N ILE B 392 12.56 11.54 -11.85
CA ILE B 392 11.16 11.35 -12.19
C ILE B 392 11.11 10.76 -13.59
N VAL B 393 10.63 9.53 -13.72
CA VAL B 393 10.72 8.79 -14.97
C VAL B 393 9.33 8.34 -15.42
N ARG B 394 9.26 7.93 -16.68
CA ARG B 394 8.06 7.35 -17.27
C ARG B 394 8.29 5.86 -17.45
N TYR B 395 7.48 5.04 -16.78
CA TYR B 395 7.63 3.60 -16.78
C TYR B 395 6.44 2.94 -17.48
N ALA B 396 6.73 2.03 -18.40
CA ALA B 396 5.71 1.24 -19.08
C ALA B 396 6.23 -0.18 -19.21
N TYR B 397 5.46 -1.16 -18.71
CA TYR B 397 5.92 -2.54 -18.72
C TYR B 397 6.06 -3.06 -20.15
N ASP B 398 5.06 -2.83 -20.99
CA ASP B 398 5.11 -3.22 -22.39
C ASP B 398 4.21 -2.29 -23.18
N LYS B 399 3.99 -2.63 -24.45
CA LYS B 399 3.13 -1.82 -25.31
C LYS B 399 1.67 -1.89 -24.90
N ARG B 400 1.29 -2.83 -24.04
CA ARG B 400 -0.08 -3.00 -23.60
C ARG B 400 -0.37 -2.26 -22.30
N ALA B 401 0.57 -2.28 -21.35
CA ALA B 401 0.34 -1.71 -20.04
C ALA B 401 0.21 -0.19 -20.12
N ASN B 402 -0.58 0.36 -19.20
CA ASN B 402 -0.76 1.80 -19.12
C ASN B 402 0.52 2.46 -18.61
N PRO B 403 0.93 3.59 -19.19
CA PRO B 403 2.17 4.24 -18.74
C PRO B 403 2.02 4.83 -17.35
N GLN B 404 3.13 4.83 -16.61
CA GLN B 404 3.17 5.33 -15.24
C GLN B 404 4.20 6.44 -15.12
N VAL B 405 3.98 7.31 -14.13
CA VAL B 405 4.97 8.29 -13.72
C VAL B 405 5.45 7.90 -12.33
N GLY B 406 6.76 7.73 -12.18
CA GLY B 406 7.33 7.26 -10.93
C GLY B 406 8.63 7.94 -10.60
N VAL B 407 9.22 7.51 -9.49
CA VAL B 407 10.46 8.07 -8.96
C VAL B 407 11.50 6.95 -8.87
N ALA B 408 12.75 7.28 -9.19
CA ALA B 408 13.86 6.33 -9.11
C ALA B 408 14.96 6.96 -8.27
N PHE B 409 15.09 6.51 -7.03
CA PHE B 409 16.09 7.07 -6.13
C PHE B 409 17.24 6.09 -5.92
N PRO B 410 18.45 6.59 -5.68
CA PRO B 410 19.62 5.71 -5.59
C PRO B 410 19.56 4.80 -4.37
N HIS B 411 20.29 3.69 -4.46
CA HIS B 411 20.35 2.70 -3.39
C HIS B 411 21.75 2.10 -3.42
N ILE B 412 22.63 2.59 -2.55
CA ILE B 412 24.04 2.20 -2.55
C ILE B 412 24.29 1.31 -1.35
N LYS B 413 24.74 0.08 -1.62
CA LYS B 413 25.13 -0.87 -0.61
C LYS B 413 26.62 -1.20 -0.78
N HIS B 414 27.10 -2.18 -0.01
CA HIS B 414 28.50 -2.58 -0.10
C HIS B 414 28.73 -3.69 -1.12
N ASN B 415 27.68 -4.42 -1.52
CA ASN B 415 27.81 -5.47 -2.51
C ASN B 415 27.20 -5.11 -3.87
N TYR B 416 26.28 -4.16 -3.92
CA TYR B 416 25.67 -3.78 -5.20
C TYR B 416 25.10 -2.37 -5.09
N GLU B 417 24.93 -1.76 -6.26
CA GLU B 417 24.27 -0.47 -6.40
C GLU B 417 23.12 -0.61 -7.38
N CYS B 418 22.04 0.13 -7.14
CA CYS B 418 20.86 0.04 -8.00
C CYS B 418 19.98 1.25 -7.76
N LEU B 419 19.02 1.43 -8.67
CA LEU B 419 17.95 2.41 -8.53
C LEU B 419 16.68 1.70 -8.08
N VAL B 420 15.93 2.36 -7.20
CA VAL B 420 14.69 1.81 -6.66
C VAL B 420 13.53 2.62 -7.24
N TYR B 421 12.64 1.95 -7.96
CA TYR B 421 11.51 2.59 -8.62
C TYR B 421 10.23 2.35 -7.83
N VAL B 422 9.48 3.42 -7.59
CA VAL B 422 8.15 3.35 -7.01
C VAL B 422 7.25 4.29 -7.81
N GLN B 423 6.04 3.83 -8.11
CA GLN B 423 5.12 4.63 -8.91
C GLN B 423 4.63 5.85 -8.14
N LEU B 424 4.49 6.97 -8.84
CA LEU B 424 4.01 8.22 -8.29
C LEU B 424 2.59 8.51 -8.77
N PRO B 425 1.83 9.32 -8.04
CA PRO B 425 0.41 9.49 -8.36
C PRO B 425 0.17 10.49 -9.47
N PHE B 426 -0.88 10.24 -10.24
CA PHE B 426 -1.39 11.23 -11.18
C PHE B 426 -2.23 12.26 -10.44
N MET B 427 -2.60 13.32 -11.15
CA MET B 427 -3.44 14.35 -10.56
C MET B 427 -4.84 13.82 -10.25
N GLU B 428 -5.34 12.89 -11.08
CA GLU B 428 -6.66 12.32 -10.85
C GLU B 428 -6.68 11.36 -9.66
N ASP B 429 -5.54 11.00 -9.11
CA ASP B 429 -5.48 10.08 -7.98
C ASP B 429 -5.50 10.79 -6.63
N LEU B 430 -5.33 12.11 -6.60
CA LEU B 430 -5.26 12.86 -5.36
C LEU B 430 -6.65 13.27 -4.89
N ARG B 431 -6.77 13.51 -3.58
CA ARG B 431 -8.01 13.95 -2.96
C ARG B 431 -7.68 14.95 -1.87
N GLN B 432 -8.17 16.19 -2.02
CA GLN B 432 -7.84 17.26 -1.09
C GLN B 432 -8.92 17.38 -0.01
N TYR B 433 -8.91 16.40 0.89
CA TYR B 433 -9.77 16.44 2.07
C TYR B 433 -9.14 17.36 3.11
N MET B 434 -9.85 18.43 3.47
CA MET B 434 -9.36 19.35 4.48
C MET B 434 -9.69 18.82 5.87
N PHE B 435 -8.70 18.84 6.75
CA PHE B 435 -8.85 18.33 8.11
C PHE B 435 -8.65 19.45 9.12
N SER B 436 -9.35 19.33 10.25
CA SER B 436 -9.26 20.35 11.28
C SER B 436 -7.89 20.35 11.95
N SER B 437 -7.47 21.52 12.40
CA SER B 437 -6.16 21.66 13.01
C SER B 437 -6.15 21.08 14.42
N LEU B 438 -5.15 20.26 14.71
CA LEU B 438 -4.94 19.72 16.04
C LEU B 438 -3.85 20.43 16.82
N LYS B 439 -2.86 21.00 16.13
CA LYS B 439 -1.82 21.77 16.82
C LYS B 439 -2.40 23.06 17.39
N ASN B 440 -3.21 23.76 16.61
CA ASN B 440 -3.89 24.98 17.07
C ASN B 440 -5.29 24.66 17.57
N SER B 441 -5.41 23.65 18.43
CA SER B 441 -6.69 23.18 18.92
C SER B 441 -7.00 23.81 20.27
N LYS B 442 -8.19 24.39 20.39
CA LYS B 442 -8.66 24.95 21.65
C LYS B 442 -9.58 23.99 22.40
N LYS B 443 -9.69 22.75 21.95
CA LYS B 443 -10.59 21.77 22.55
C LYS B 443 -9.89 20.50 22.98
N TYR B 444 -8.91 20.01 22.22
CA TYR B 444 -8.28 18.73 22.48
C TYR B 444 -6.79 18.86 22.74
N ALA B 445 -6.35 20.02 23.22
CA ALA B 445 -4.95 20.20 23.59
C ALA B 445 -4.67 19.47 24.90
N PRO B 446 -3.72 18.54 24.94
CA PRO B 446 -3.48 17.80 26.17
C PRO B 446 -2.77 18.64 27.23
N THR B 447 -2.98 18.26 28.49
CA THR B 447 -2.37 18.96 29.60
C THR B 447 -0.90 18.53 29.76
N GLU B 448 -0.22 19.14 30.72
CA GLU B 448 1.18 18.79 30.96
C GLU B 448 1.32 17.38 31.53
N ALA B 449 0.41 17.00 32.44
CA ALA B 449 0.46 15.65 33.00
C ALA B 449 0.07 14.61 31.97
N GLN B 450 -0.81 14.96 31.03
CA GLN B 450 -1.20 14.02 29.98
C GLN B 450 -0.07 13.81 28.99
N LEU B 451 0.69 14.86 28.68
CA LEU B 451 1.83 14.71 27.79
C LEU B 451 2.96 13.91 28.43
N ASN B 452 3.14 14.06 29.75
CA ASN B 452 4.18 13.30 30.44
C ASN B 452 3.83 11.83 30.53
N ALA B 453 2.53 11.49 30.61
CA ALA B 453 2.13 10.09 30.63
C ALA B 453 2.35 9.45 29.26
N VAL B 454 2.07 10.19 28.18
CA VAL B 454 2.36 9.69 26.85
C VAL B 454 3.86 9.63 26.60
N ASP B 455 4.59 10.62 27.12
CA ASP B 455 6.05 10.60 27.00
C ASP B 455 6.64 9.40 27.72
N ALA B 456 6.08 9.03 28.88
CA ALA B 456 6.57 7.87 29.61
C ALA B 456 6.13 6.57 28.93
N LEU B 457 4.99 6.58 28.25
CA LEU B 457 4.53 5.38 27.56
C LEU B 457 5.41 5.06 26.35
N ILE B 458 5.80 6.09 25.60
CA ILE B 458 6.62 5.87 24.41
C ILE B 458 8.00 5.35 24.79
N ASP B 459 8.54 5.83 25.90
CA ASP B 459 9.84 5.33 26.36
C ASP B 459 9.74 3.89 26.83
N SER B 460 8.63 3.51 27.46
CA SER B 460 8.49 2.15 27.95
C SER B 460 8.22 1.17 26.81
N MET B 461 7.48 1.60 25.79
CA MET B 461 7.16 0.75 24.64
C MET B 461 8.19 0.87 23.52
N SER B 462 9.42 1.23 23.83
CA SER B 462 10.44 1.39 22.79
C SER B 462 10.80 0.04 22.19
N LEU B 463 10.76 -0.04 20.86
CA LEU B 463 11.07 -1.27 20.14
C LEU B 463 12.48 -1.27 19.58
N ALA B 464 13.35 -0.39 20.07
CA ALA B 464 14.73 -0.32 19.63
C ALA B 464 15.65 -0.27 20.85
N LYS B 465 16.92 -0.59 20.62
CA LYS B 465 17.91 -0.63 21.69
C LYS B 465 19.22 -0.09 21.15
N LYS B 466 19.71 1.00 21.74
CA LYS B 466 20.97 1.61 21.32
C LYS B 466 22.08 1.00 22.16
N ASP B 467 22.61 -0.13 21.69
CA ASP B 467 23.62 -0.87 22.42
C ASP B 467 25.02 -0.35 22.10
N GLU B 468 25.94 -0.56 23.05
CA GLU B 468 27.35 -0.16 22.98
C GLU B 468 27.53 1.36 22.91
N LYS B 469 26.45 2.14 22.92
CA LYS B 469 26.50 3.59 22.92
C LYS B 469 27.33 4.14 21.75
N THR B 470 26.93 3.72 20.55
CA THR B 470 27.52 4.19 19.30
C THR B 470 26.44 4.57 18.29
N ASP B 471 25.27 4.96 18.79
CA ASP B 471 24.09 5.26 17.97
C ASP B 471 23.65 4.06 17.13
N THR B 472 24.14 2.87 17.47
CA THR B 472 23.77 1.66 16.74
C THR B 472 22.45 1.14 17.29
N LEU B 473 21.38 1.31 16.52
CA LEU B 473 20.05 0.91 16.94
C LEU B 473 19.82 -0.55 16.62
N GLU B 474 19.52 -1.34 17.64
CA GLU B 474 19.18 -2.75 17.49
C GLU B 474 17.66 -2.89 17.51
N ASP B 475 17.09 -3.32 16.38
CA ASP B 475 15.63 -3.46 16.29
C ASP B 475 15.18 -4.65 17.12
N LEU B 476 14.39 -4.39 18.17
CA LEU B 476 13.89 -5.44 19.03
C LEU B 476 12.67 -6.16 18.47
N PHE B 477 12.07 -5.64 17.39
CA PHE B 477 10.87 -6.24 16.81
C PHE B 477 10.85 -5.96 15.31
N PRO B 478 11.69 -6.67 14.55
CA PRO B 478 11.71 -6.47 13.10
C PRO B 478 10.59 -7.25 12.42
N THR B 479 9.49 -6.56 12.11
CA THR B 479 8.32 -7.23 11.54
C THR B 479 8.57 -7.71 10.11
N THR B 480 9.51 -7.09 9.39
CA THR B 480 9.76 -7.46 8.00
C THR B 480 10.46 -8.82 7.87
N LYS B 481 10.97 -9.38 8.97
CA LYS B 481 11.58 -10.69 8.94
C LYS B 481 10.63 -11.80 9.38
N ILE B 482 9.44 -11.46 9.86
CA ILE B 482 8.45 -12.42 10.30
C ILE B 482 7.63 -12.86 9.09
N PRO B 483 7.42 -14.15 8.87
CA PRO B 483 6.59 -14.58 7.74
C PRO B 483 5.13 -14.26 7.97
N ASN B 484 4.41 -14.13 6.86
CA ASN B 484 2.98 -13.85 6.91
C ASN B 484 2.27 -15.00 7.62
N PRO B 485 1.59 -14.75 8.74
CA PRO B 485 1.01 -15.87 9.52
C PRO B 485 -0.12 -16.60 8.81
N ARG B 486 -0.71 -16.03 7.76
CA ARG B 486 -1.84 -16.66 7.10
C ARG B 486 -1.43 -17.90 6.32
N PHE B 487 -0.15 -18.07 6.01
CA PHE B 487 0.29 -19.20 5.22
C PHE B 487 0.44 -20.46 6.08
N GLN B 488 1.26 -20.39 7.12
CA GLN B 488 1.41 -21.54 8.01
C GLN B 488 0.13 -21.82 8.79
N ARG B 489 -0.73 -20.82 8.98
CA ARG B 489 -2.05 -21.09 9.55
C ARG B 489 -2.93 -21.85 8.57
N LEU B 490 -2.85 -21.49 7.28
CA LEU B 490 -3.60 -22.23 6.26
C LEU B 490 -3.06 -23.65 6.10
N PHE B 491 -1.74 -23.80 6.09
CA PHE B 491 -1.15 -25.14 5.96
C PHE B 491 -1.49 -26.00 7.15
N GLN B 492 -1.66 -25.40 8.33
CA GLN B 492 -2.06 -26.17 9.51
C GLN B 492 -3.46 -26.73 9.36
N CYS B 493 -4.39 -25.93 8.83
CA CYS B 493 -5.77 -26.37 8.69
C CYS B 493 -5.94 -27.34 7.52
N LEU B 494 -5.23 -27.10 6.42
CA LEU B 494 -5.33 -28.00 5.27
C LEU B 494 -4.83 -29.40 5.62
N LEU B 495 -3.73 -29.49 6.37
CA LEU B 495 -3.22 -30.79 6.79
C LEU B 495 -4.10 -31.41 7.86
N HIS B 496 -4.69 -30.59 8.74
CA HIS B 496 -5.53 -31.13 9.80
C HIS B 496 -6.81 -31.73 9.24
N ARG B 497 -7.36 -31.13 8.18
CA ARG B 497 -8.57 -31.69 7.56
C ARG B 497 -8.26 -32.98 6.81
N ALA B 498 -7.06 -33.08 6.20
CA ALA B 498 -6.72 -34.27 5.44
C ALA B 498 -6.48 -35.46 6.38
N LEU B 499 -5.81 -35.24 7.50
CA LEU B 499 -5.50 -36.31 8.43
C LEU B 499 -6.62 -36.58 9.42
N HIS B 500 -7.51 -35.62 9.65
CA HIS B 500 -8.62 -35.77 10.59
C HIS B 500 -9.86 -35.16 9.97
N PRO B 501 -10.58 -35.92 9.13
CA PRO B 501 -11.76 -35.35 8.47
C PRO B 501 -12.94 -35.13 9.40
N ARG B 502 -13.05 -35.90 10.48
CA ARG B 502 -14.18 -35.75 11.38
C ARG B 502 -13.98 -34.65 12.42
N GLU B 503 -12.73 -34.28 12.70
CA GLU B 503 -12.46 -33.27 13.71
C GLU B 503 -12.60 -31.86 13.13
N PRO B 504 -13.01 -30.88 13.93
CA PRO B 504 -13.06 -29.50 13.45
C PRO B 504 -11.68 -28.91 13.28
N LEU B 505 -11.61 -27.66 12.81
CA LEU B 505 -10.32 -27.03 12.57
C LEU B 505 -9.63 -26.71 13.89
N PRO B 506 -8.30 -26.85 13.97
CA PRO B 506 -7.59 -26.60 15.22
C PRO B 506 -7.38 -25.11 15.44
N PRO B 507 -7.15 -24.70 16.68
CA PRO B 507 -6.88 -23.29 16.95
C PRO B 507 -5.49 -22.88 16.47
N ILE B 508 -5.23 -21.58 16.55
CA ILE B 508 -3.96 -21.04 16.10
C ILE B 508 -2.84 -21.48 17.05
N GLN B 509 -1.72 -21.91 16.48
CA GLN B 509 -0.59 -22.34 17.29
C GLN B 509 -0.03 -21.16 18.07
N GLN B 510 0.48 -21.45 19.28
CA GLN B 510 0.92 -20.39 20.16
C GLN B 510 2.21 -19.73 19.68
N HIS B 511 3.10 -20.49 19.04
CA HIS B 511 4.32 -19.88 18.52
C HIS B 511 4.04 -18.90 17.39
N ILE B 512 2.86 -18.99 16.77
CA ILE B 512 2.44 -17.96 15.82
C ILE B 512 2.08 -16.68 16.54
N TRP B 513 1.33 -16.79 17.64
CA TRP B 513 0.99 -15.61 18.42
C TRP B 513 2.21 -15.02 19.12
N ASN B 514 3.19 -15.84 19.47
CA ASN B 514 4.37 -15.33 20.16
C ASN B 514 5.23 -14.48 19.23
N MET B 515 5.25 -14.79 17.95
CA MET B 515 6.01 -14.00 16.98
C MET B 515 5.26 -12.78 16.49
N LEU B 516 3.93 -12.77 16.60
CA LEU B 516 3.12 -11.61 16.23
C LEU B 516 2.96 -10.63 17.38
N ASN B 517 3.68 -10.82 18.48
CA ASN B 517 3.62 -9.96 19.65
C ASN B 517 5.01 -9.41 19.95
N PRO B 518 5.10 -8.24 20.60
CA PRO B 518 6.41 -7.66 20.90
C PRO B 518 7.12 -8.47 21.97
N PRO B 519 8.40 -8.20 22.22
CA PRO B 519 9.10 -8.88 23.31
C PRO B 519 8.36 -8.70 24.64
N ALA B 520 8.40 -9.75 25.46
CA ALA B 520 7.67 -9.73 26.73
C ALA B 520 8.14 -8.62 27.66
N GLU B 521 9.37 -8.14 27.48
CA GLU B 521 9.85 -7.03 28.31
C GLU B 521 9.15 -5.73 27.94
N VAL B 522 8.83 -5.54 26.66
CA VAL B 522 8.16 -4.32 26.23
C VAL B 522 6.73 -4.28 26.74
N THR B 523 6.06 -5.44 26.77
CA THR B 523 4.67 -5.48 27.22
C THR B 523 4.58 -5.24 28.72
N THR B 524 5.49 -5.84 29.50
CA THR B 524 5.45 -5.67 30.95
C THR B 524 5.92 -4.28 31.38
N LYS B 525 6.80 -3.67 30.58
CA LYS B 525 7.31 -2.34 30.94
C LYS B 525 6.22 -1.28 30.85
N SER B 526 5.22 -1.48 30.00
CA SER B 526 4.20 -0.48 29.73
C SER B 526 2.99 -0.57 30.64
N GLN B 527 2.98 -1.52 31.59
CA GLN B 527 1.80 -1.70 32.44
C GLN B 527 1.56 -0.46 33.30
N ILE B 528 2.60 0.04 33.97
CA ILE B 528 2.47 1.20 34.84
C ILE B 528 2.18 2.47 34.02
N PRO B 529 2.88 2.73 32.90
CA PRO B 529 2.50 3.89 32.08
C PRO B 529 1.09 3.80 31.52
N LEU B 530 0.62 2.60 31.15
CA LEU B 530 -0.75 2.47 30.65
C LEU B 530 -1.78 2.73 31.75
N SER B 531 -1.45 2.38 32.99
CA SER B 531 -2.38 2.61 34.09
C SER B 531 -2.60 4.10 34.35
N LYS B 532 -1.52 4.89 34.27
CA LYS B 532 -1.67 6.34 34.44
C LYS B 532 -2.37 6.98 33.26
N ILE B 533 -2.27 6.38 32.08
CA ILE B 533 -2.95 6.91 30.91
C ILE B 533 -4.44 6.64 30.99
N LYS B 534 -4.83 5.48 31.52
CA LYS B 534 -6.24 5.16 31.67
C LYS B 534 -6.95 6.13 32.60
N THR B 535 -6.24 6.65 33.60
CA THR B 535 -6.82 7.59 34.54
C THR B 535 -6.73 9.04 34.08
N LEU B 536 -5.73 9.38 33.28
CA LEU B 536 -5.55 10.75 32.82
C LEU B 536 -6.34 11.06 31.55
N PHE B 537 -6.64 10.05 30.73
CA PHE B 537 -7.38 10.25 29.49
C PHE B 537 -8.76 9.61 29.60
N PRO B 538 -9.81 10.39 29.88
CA PRO B 538 -11.15 9.81 29.94
C PRO B 538 -11.63 9.39 28.56
N LEU B 539 -12.20 8.19 28.48
CA LEU B 539 -12.70 7.63 27.23
C LEU B 539 -14.06 7.01 27.46
N ILE B 540 -15.04 7.39 26.65
CA ILE B 540 -16.38 6.85 26.75
C ILE B 540 -17.03 6.91 25.37
N GLU B 541 -17.92 5.95 25.11
CA GLU B 541 -18.61 5.86 23.83
C GLU B 541 -19.85 6.73 23.83
N ALA B 542 -20.15 7.32 22.67
CA ALA B 542 -21.28 8.23 22.50
C ALA B 542 -22.48 7.47 21.98
N LYS B 543 -23.61 7.60 22.69
CA LYS B 543 -24.87 6.94 22.32
C LYS B 543 -25.98 7.97 22.46
N LYS B 544 -26.28 8.68 21.36
CA LYS B 544 -27.36 9.66 21.40
C LYS B 544 -27.99 9.85 20.02
N LYS B 545 -27.17 10.15 19.02
CA LYS B 545 -27.67 10.40 17.68
C LYS B 545 -28.14 9.11 17.01
#